data_7VDS
#
_entry.id   7VDS
#
_cell.length_a   118.060
_cell.length_b   118.060
_cell.length_c   153.690
_cell.angle_alpha   90.000
_cell.angle_beta   90.000
_cell.angle_gamma   120.000
#
_symmetry.space_group_name_H-M   'P 32 2 1'
#
loop_
_entity.id
_entity.type
_entity.pdbx_description
1 polymer 'Cyclin-dependent-like kinase 5, p25'
2 polymer 'Cyclin-dependent kinase 5 activator 1'
3 non-polymer 5-fluoranyl-4-[[2-[(1R)-1-(1-methylpiperidin-4-yl)-1-oxidanyl-ethyl]-1,6-naphthyridin-7-yl]amino]-2-morpholin-4-yl-benzenecarbonitrile
4 non-polymer GLYCEROL
5 non-polymer 1,2-ETHANEDIOL
6 non-polymer 'CHLORIDE ION'
7 water water
#
loop_
_entity_poly.entity_id
_entity_poly.type
_entity_poly.pdbx_seq_one_letter_code
_entity_poly.pdbx_strand_id
1 'polypeptide(L)'
;SQKYEKLEKIGEGTYGTVFKAKNRETHEIVALKRVRLDDDDEGVPSSALREICLLKELKHKNIVRLHDVLHSDKKLTLVF
EFCDQDLKKYFDSCNGDLDPEIVKSFLFQLLKGLGFCHSRNVLHRDLKPQNLLINRNGELKLADFGLARAFGIPVRCYSA
EVVTLWYRPPDVLFGAKLYSTSIDMWSAGCIFAELANAGRPLFPGNDVDDQLKRIFRLLGTPTEEQWPSMTKLPDYKPYP
MYPATTSLVNVVPKLNATGRDLLQNLLKCNPVQRISAEEALQHPYFSDFCPP
;
A,B
2 'polypeptide(L)'
;MQPPPAQPPAPPASQLSGSQTGGSSSVKKAPHPAVTSAGTPKRVIVQASTSELLRCLGEFLCRRCYRLKHLSPTDPVLWL
RSVDRSLLLQGWQDQGFITPANVVFLYMLCRDVISSEVGSDHELQAVLLTCLYLSYSYMGNEISYPLKPFLVESCKEAFW
DRCLSVINLMSSKMLQINADPHYFTQVFSDLKNESGQEDKKRLLLGLDR
;
C,D
#
# COMPACT_ATOMS: atom_id res chain seq x y z
N GLN A 2 8.05 -20.30 5.21
CA GLN A 2 7.71 -21.75 5.32
C GLN A 2 8.56 -22.55 4.32
N LYS A 3 8.51 -22.17 3.05
CA LYS A 3 9.38 -22.67 1.94
C LYS A 3 10.29 -21.55 1.46
N TYR A 4 9.90 -20.29 1.73
CA TYR A 4 10.61 -19.04 1.31
C TYR A 4 11.01 -18.26 2.57
N GLU A 5 12.02 -17.39 2.43
CA GLU A 5 12.55 -16.52 3.51
C GLU A 5 12.40 -15.04 3.10
N LYS A 6 11.44 -14.33 3.71
CA LYS A 6 11.21 -12.88 3.46
C LYS A 6 12.48 -12.11 3.83
N LEU A 7 12.85 -11.10 3.04
CA LEU A 7 14.04 -10.23 3.27
C LEU A 7 13.58 -8.82 3.65
N GLU A 8 12.85 -8.15 2.76
CA GLU A 8 12.35 -6.76 2.96
C GLU A 8 11.01 -6.61 2.25
N LYS A 9 10.07 -5.84 2.81
CA LYS A 9 8.78 -5.53 2.16
C LYS A 9 9.09 -4.59 0.98
N ILE A 10 8.41 -4.78 -0.14
CA ILE A 10 8.54 -3.98 -1.39
C ILE A 10 7.40 -2.96 -1.44
N GLY A 11 6.18 -3.40 -1.17
CA GLY A 11 4.96 -2.58 -1.20
C GLY A 11 3.87 -3.14 -0.31
N GLU A 12 2.91 -2.30 0.09
CA GLU A 12 1.78 -2.65 0.98
C GLU A 12 0.50 -2.19 0.29
N GLY A 13 0.02 -2.98 -0.69
CA GLY A 13 -1.21 -2.70 -1.44
C GLY A 13 -2.46 -2.97 -0.61
N THR A 14 -3.62 -2.59 -1.13
CA THR A 14 -4.95 -2.85 -0.50
C THR A 14 -5.44 -4.24 -0.92
N TYR A 15 -4.83 -4.82 -1.95
CA TYR A 15 -5.14 -6.18 -2.49
C TYR A 15 -4.12 -7.20 -1.96
N GLY A 16 -3.05 -6.76 -1.30
CA GLY A 16 -2.07 -7.65 -0.65
C GLY A 16 -0.78 -6.96 -0.24
N THR A 17 0.12 -7.69 0.42
CA THR A 17 1.46 -7.23 0.85
C THR A 17 2.54 -7.92 0.00
N VAL A 18 3.49 -7.14 -0.53
CA VAL A 18 4.56 -7.62 -1.45
C VAL A 18 5.90 -7.64 -0.69
N PHE A 19 6.61 -8.77 -0.72
CA PHE A 19 7.95 -8.95 -0.10
C PHE A 19 8.98 -9.36 -1.17
N LYS A 20 10.23 -8.98 -0.97
CA LYS A 20 11.42 -9.59 -1.65
C LYS A 20 11.88 -10.78 -0.81
N ALA A 21 11.98 -11.95 -1.41
CA ALA A 21 12.17 -13.25 -0.70
C ALA A 21 13.20 -14.10 -1.44
N LYS A 22 13.61 -15.17 -0.77
CA LYS A 22 14.64 -16.15 -1.18
C LYS A 22 14.02 -17.55 -1.09
N ASN A 23 14.19 -18.39 -2.11
CA ASN A 23 13.81 -19.83 -2.08
C ASN A 23 14.85 -20.56 -1.21
N ARG A 24 14.42 -21.14 -0.08
CA ARG A 24 15.34 -21.76 0.90
C ARG A 24 15.99 -23.00 0.28
N GLU A 25 15.25 -23.71 -0.59
CA GLU A 25 15.73 -24.90 -1.33
C GLU A 25 16.82 -24.47 -2.34
N THR A 26 16.46 -23.63 -3.34
CA THR A 26 17.33 -23.32 -4.52
C THR A 26 17.96 -21.93 -4.42
N HIS A 27 17.72 -21.19 -3.32
CA HIS A 27 18.44 -19.94 -2.94
C HIS A 27 18.24 -18.81 -3.96
N GLU A 28 17.20 -18.89 -4.81
CA GLU A 28 16.88 -17.85 -5.83
C GLU A 28 16.01 -16.74 -5.20
N ILE A 29 16.19 -15.49 -5.64
CA ILE A 29 15.41 -14.30 -5.16
C ILE A 29 14.18 -14.15 -6.06
N VAL A 30 12.99 -14.02 -5.44
CA VAL A 30 11.68 -13.87 -6.11
C VAL A 30 10.90 -12.75 -5.41
N ALA A 31 9.81 -12.27 -6.02
CA ALA A 31 8.80 -11.39 -5.39
C ALA A 31 7.64 -12.26 -4.89
N LEU A 32 7.12 -11.95 -3.70
CA LEU A 32 6.00 -12.65 -3.03
C LEU A 32 4.84 -11.67 -2.82
N LYS A 33 3.64 -12.02 -3.30
CA LYS A 33 2.38 -11.31 -2.97
C LYS A 33 1.57 -12.18 -2.00
N ARG A 34 1.36 -11.71 -0.78
CA ARG A 34 0.55 -12.39 0.27
C ARG A 34 -0.88 -11.84 0.22
N VAL A 35 -1.87 -12.74 0.21
CA VAL A 35 -3.31 -12.41 0.14
C VAL A 35 -4.02 -13.15 1.28
N ARG A 36 -4.54 -12.42 2.28
CA ARG A 36 -5.31 -12.98 3.43
C ARG A 36 -6.66 -13.51 2.90
N LEU A 37 -7.21 -14.55 3.54
CA LEU A 37 -8.35 -15.34 2.98
C LEU A 37 -9.50 -15.47 4.00
N ASP A 38 -9.56 -14.59 5.01
CA ASP A 38 -10.73 -14.45 5.93
C ASP A 38 -10.93 -12.97 6.29
N ASP A 39 -11.47 -12.19 5.34
CA ASP A 39 -11.64 -10.71 5.45
C ASP A 39 -13.12 -10.39 5.64
N ASP A 40 -13.51 -9.87 6.82
CA ASP A 40 -14.91 -9.46 7.12
C ASP A 40 -15.38 -8.49 6.02
N ASP A 41 -14.51 -7.57 5.58
CA ASP A 41 -14.62 -6.85 4.28
C ASP A 41 -13.92 -7.71 3.22
N GLU A 42 -14.69 -8.56 2.55
CA GLU A 42 -14.22 -9.68 1.69
C GLU A 42 -13.73 -9.14 0.34
N GLY A 43 -13.53 -10.03 -0.64
CA GLY A 43 -13.44 -9.68 -2.07
C GLY A 43 -12.03 -9.80 -2.62
N VAL A 44 -11.03 -9.45 -1.82
CA VAL A 44 -9.62 -9.24 -2.28
C VAL A 44 -9.16 -10.47 -3.09
N PRO A 45 -9.34 -11.71 -2.59
CA PRO A 45 -8.92 -12.91 -3.32
C PRO A 45 -9.36 -13.02 -4.79
N SER A 46 -10.58 -12.57 -5.11
CA SER A 46 -11.17 -12.58 -6.48
C SER A 46 -10.16 -12.00 -7.49
N SER A 47 -9.55 -10.87 -7.18
CA SER A 47 -8.54 -10.17 -8.03
C SER A 47 -7.33 -11.09 -8.25
N ALA A 48 -6.87 -11.74 -7.16
CA ALA A 48 -5.70 -12.64 -7.14
C ALA A 48 -5.93 -13.84 -8.07
N LEU A 49 -7.12 -14.45 -8.00
CA LEU A 49 -7.49 -15.65 -8.81
C LEU A 49 -7.52 -15.29 -10.29
N ARG A 50 -8.10 -14.14 -10.67
CA ARG A 50 -8.13 -13.63 -12.06
C ARG A 50 -6.70 -13.41 -12.54
N GLU A 51 -5.88 -12.72 -11.74
CA GLU A 51 -4.48 -12.40 -12.09
C GLU A 51 -3.74 -13.71 -12.39
N ILE A 52 -3.93 -14.72 -11.55
CA ILE A 52 -3.33 -16.08 -11.71
C ILE A 52 -3.81 -16.71 -13.04
N CYS A 53 -5.12 -16.85 -13.23
CA CYS A 53 -5.74 -17.50 -14.42
C CYS A 53 -5.21 -16.90 -15.73
N LEU A 54 -4.89 -15.60 -15.75
CA LEU A 54 -4.46 -14.87 -16.97
C LEU A 54 -2.94 -15.03 -17.17
N LEU A 55 -2.16 -14.87 -16.11
CA LEU A 55 -0.67 -14.95 -16.14
C LEU A 55 -0.20 -16.38 -16.42
N LYS A 56 -1.05 -17.39 -16.17
CA LYS A 56 -0.75 -18.81 -16.49
C LYS A 56 -0.69 -19.00 -18.01
N GLU A 57 -1.33 -18.09 -18.76
CA GLU A 57 -1.51 -18.19 -20.23
C GLU A 57 -0.84 -17.00 -20.94
N LEU A 58 -0.10 -16.19 -20.21
CA LEU A 58 0.62 -14.99 -20.74
C LEU A 58 2.10 -15.12 -20.38
N LYS A 59 2.80 -16.02 -21.07
CA LYS A 59 4.25 -16.30 -20.89
C LYS A 59 5.01 -15.55 -21.99
N HIS A 60 5.82 -14.57 -21.58
CA HIS A 60 6.53 -13.60 -22.46
C HIS A 60 7.56 -12.81 -21.63
N LYS A 61 8.67 -12.42 -22.24
CA LYS A 61 9.85 -11.83 -21.54
C LYS A 61 9.54 -10.41 -21.05
N ASN A 62 8.47 -9.80 -21.59
CA ASN A 62 8.05 -8.41 -21.29
C ASN A 62 6.76 -8.43 -20.46
N ILE A 63 6.35 -9.60 -19.96
CA ILE A 63 5.23 -9.77 -18.99
C ILE A 63 5.78 -10.49 -17.76
N VAL A 64 5.59 -9.89 -16.57
CA VAL A 64 6.05 -10.47 -15.28
C VAL A 64 5.64 -11.96 -15.26
N ARG A 65 6.56 -12.82 -14.82
CA ARG A 65 6.34 -14.29 -14.75
C ARG A 65 5.85 -14.66 -13.36
N LEU A 66 4.64 -15.25 -13.31
CA LEU A 66 4.13 -16.06 -12.17
C LEU A 66 4.81 -17.44 -12.23
N HIS A 67 5.67 -17.73 -11.25
CA HIS A 67 6.40 -19.02 -11.17
C HIS A 67 5.48 -20.09 -10.56
N ASP A 68 4.78 -19.76 -9.48
CA ASP A 68 4.02 -20.74 -8.67
C ASP A 68 3.04 -19.99 -7.76
N VAL A 69 2.05 -20.72 -7.24
CA VAL A 69 1.07 -20.23 -6.23
C VAL A 69 1.08 -21.20 -5.04
N LEU A 70 1.16 -20.68 -3.81
CA LEU A 70 1.16 -21.48 -2.56
C LEU A 70 -0.05 -21.10 -1.72
N HIS A 71 -0.70 -22.10 -1.12
CA HIS A 71 -1.80 -21.92 -0.13
C HIS A 71 -1.37 -22.54 1.19
N SER A 72 -1.31 -21.71 2.25
CA SER A 72 -0.94 -22.08 3.64
C SER A 72 -1.66 -21.18 4.66
N ASP A 73 -1.83 -21.67 5.88
CA ASP A 73 -2.19 -20.88 7.10
C ASP A 73 -3.08 -19.69 6.71
N LYS A 74 -4.26 -19.96 6.13
CA LYS A 74 -5.29 -18.94 5.78
C LYS A 74 -4.64 -17.75 5.06
N LYS A 75 -3.76 -18.05 4.10
CA LYS A 75 -3.00 -17.07 3.27
C LYS A 75 -2.75 -17.68 1.88
N LEU A 76 -2.86 -16.88 0.84
CA LEU A 76 -2.50 -17.25 -0.55
C LEU A 76 -1.28 -16.42 -0.96
N THR A 77 -0.29 -17.07 -1.57
CA THR A 77 1.03 -16.48 -1.89
C THR A 77 1.36 -16.73 -3.37
N LEU A 78 1.32 -15.67 -4.18
CA LEU A 78 1.78 -15.68 -5.59
C LEU A 78 3.29 -15.46 -5.60
N VAL A 79 4.00 -16.15 -6.47
CA VAL A 79 5.50 -16.12 -6.55
C VAL A 79 5.90 -15.65 -7.95
N PHE A 80 6.21 -14.35 -8.07
CA PHE A 80 6.69 -13.72 -9.33
C PHE A 80 8.21 -13.72 -9.32
N GLU A 81 8.82 -13.69 -10.51
CA GLU A 81 10.24 -13.28 -10.70
C GLU A 81 10.44 -11.95 -9.97
N PHE A 82 11.65 -11.70 -9.44
CA PHE A 82 11.99 -10.43 -8.75
C PHE A 82 12.52 -9.41 -9.77
N CYS A 83 12.06 -8.17 -9.62
CA CYS A 83 12.44 -7.00 -10.46
C CYS A 83 12.99 -5.90 -9.54
N ASP A 84 14.05 -5.22 -9.97
CA ASP A 84 14.87 -4.30 -9.13
C ASP A 84 14.03 -3.13 -8.63
N GLN A 85 13.03 -2.68 -9.41
CA GLN A 85 12.13 -1.55 -9.05
C GLN A 85 10.93 -1.51 -10.01
N ASP A 86 10.12 -0.44 -9.95
CA ASP A 86 9.10 -0.05 -10.96
C ASP A 86 9.54 1.26 -11.62
N LEU A 87 8.76 1.75 -12.58
CA LEU A 87 9.07 2.98 -13.37
C LEU A 87 8.84 4.24 -12.54
N LYS A 88 7.90 4.19 -11.59
CA LYS A 88 7.51 5.33 -10.72
C LYS A 88 8.71 5.69 -9.82
N LYS A 89 9.31 4.68 -9.19
CA LYS A 89 10.51 4.83 -8.33
C LYS A 89 11.71 5.22 -9.20
N TYR A 90 11.78 4.67 -10.42
CA TYR A 90 12.89 4.89 -11.38
C TYR A 90 12.96 6.37 -11.81
N PHE A 91 11.81 7.04 -11.94
CA PHE A 91 11.73 8.48 -12.30
C PHE A 91 12.31 9.30 -11.15
N ASP A 92 11.83 9.07 -9.93
CA ASP A 92 12.32 9.70 -8.68
C ASP A 92 13.82 9.45 -8.53
N SER A 93 14.33 8.32 -9.04
CA SER A 93 15.74 7.88 -8.92
C SER A 93 16.63 8.61 -9.94
N CYS A 94 16.11 8.89 -11.14
CA CYS A 94 16.89 9.45 -12.27
C CYS A 94 16.48 10.90 -12.57
N ASN A 95 15.81 11.55 -11.60
CA ASN A 95 15.44 12.99 -11.63
C ASN A 95 14.33 13.24 -12.66
N GLY A 96 13.62 12.18 -13.08
CA GLY A 96 12.57 12.22 -14.12
C GLY A 96 13.14 12.30 -15.53
N ASP A 97 14.48 12.32 -15.65
CA ASP A 97 15.21 12.54 -16.93
C ASP A 97 15.79 11.21 -17.44
N LEU A 98 15.38 10.79 -18.64
CA LEU A 98 15.82 9.53 -19.32
C LEU A 98 16.56 9.91 -20.62
N ASP A 99 17.61 9.17 -20.98
CA ASP A 99 18.26 9.25 -22.30
C ASP A 99 17.24 8.84 -23.37
N PRO A 100 17.09 9.59 -24.48
CA PRO A 100 16.19 9.22 -25.57
C PRO A 100 16.21 7.75 -26.01
N GLU A 101 17.38 7.09 -25.96
CA GLU A 101 17.54 5.67 -26.41
C GLU A 101 16.86 4.72 -25.41
N ILE A 102 16.80 5.12 -24.14
CA ILE A 102 16.10 4.36 -23.06
C ILE A 102 14.58 4.46 -23.28
N VAL A 103 14.08 5.67 -23.57
CA VAL A 103 12.64 5.94 -23.86
C VAL A 103 12.16 4.96 -24.94
N LYS A 104 12.96 4.80 -26.00
CA LYS A 104 12.73 3.85 -27.12
C LYS A 104 12.66 2.41 -26.58
N SER A 105 13.69 1.99 -25.83
CA SER A 105 13.82 0.63 -25.24
C SER A 105 12.55 0.31 -24.45
N PHE A 106 12.20 1.17 -23.50
CA PHE A 106 11.07 1.00 -22.55
C PHE A 106 9.75 0.85 -23.33
N LEU A 107 9.46 1.78 -24.25
CA LEU A 107 8.20 1.78 -25.05
C LEU A 107 8.15 0.51 -25.92
N PHE A 108 9.25 0.19 -26.62
CA PHE A 108 9.37 -1.01 -27.47
C PHE A 108 8.94 -2.25 -26.67
N GLN A 109 9.53 -2.43 -25.49
CA GLN A 109 9.29 -3.60 -24.61
C GLN A 109 7.83 -3.58 -24.13
N LEU A 110 7.31 -2.40 -23.77
CA LEU A 110 5.91 -2.22 -23.30
C LEU A 110 4.95 -2.70 -24.41
N LEU A 111 5.19 -2.30 -25.65
CA LEU A 111 4.35 -2.63 -26.83
C LEU A 111 4.44 -4.13 -27.15
N LYS A 112 5.63 -4.73 -27.03
CA LYS A 112 5.83 -6.19 -27.25
C LYS A 112 4.94 -6.96 -26.27
N GLY A 113 5.12 -6.71 -24.96
CA GLY A 113 4.30 -7.27 -23.87
C GLY A 113 2.81 -7.06 -24.13
N LEU A 114 2.39 -5.83 -24.43
CA LEU A 114 0.98 -5.44 -24.72
C LEU A 114 0.48 -6.15 -25.98
N GLY A 115 1.31 -6.18 -27.03
CA GLY A 115 1.00 -6.90 -28.29
C GLY A 115 0.63 -8.36 -28.03
N PHE A 116 1.40 -9.01 -27.15
CA PHE A 116 1.19 -10.42 -26.74
C PHE A 116 -0.16 -10.55 -26.04
N CYS A 117 -0.38 -9.73 -25.00
CA CYS A 117 -1.64 -9.67 -24.21
C CYS A 117 -2.85 -9.58 -25.13
N HIS A 118 -2.83 -8.69 -26.13
CA HIS A 118 -3.99 -8.43 -27.04
C HIS A 118 -4.20 -9.66 -27.93
N SER A 119 -3.14 -10.15 -28.57
CA SER A 119 -3.17 -11.37 -29.43
C SER A 119 -3.77 -12.55 -28.67
N ARG A 120 -3.44 -12.68 -27.37
CA ARG A 120 -3.95 -13.76 -26.48
C ARG A 120 -5.34 -13.40 -25.94
N ASN A 121 -5.96 -12.35 -26.49
CA ASN A 121 -7.35 -11.89 -26.17
C ASN A 121 -7.45 -11.45 -24.71
N VAL A 122 -6.53 -10.60 -24.24
CA VAL A 122 -6.52 -10.06 -22.85
C VAL A 122 -6.32 -8.53 -22.89
N LEU A 123 -7.18 -7.80 -22.18
CA LEU A 123 -7.03 -6.34 -21.90
C LEU A 123 -6.38 -6.20 -20.53
N HIS A 124 -5.40 -5.31 -20.41
CA HIS A 124 -4.66 -5.02 -19.15
C HIS A 124 -5.51 -4.11 -18.25
N ARG A 125 -5.92 -2.96 -18.78
CA ARG A 125 -6.92 -2.03 -18.17
C ARG A 125 -6.36 -1.35 -16.91
N ASP A 126 -5.04 -1.33 -16.70
CA ASP A 126 -4.42 -0.70 -15.51
C ASP A 126 -2.94 -0.39 -15.78
N LEU A 127 -2.62 0.07 -16.99
CA LEU A 127 -1.27 0.59 -17.34
C LEU A 127 -1.00 1.87 -16.54
N LYS A 128 0.23 1.98 -16.04
CA LYS A 128 0.76 3.12 -15.25
C LYS A 128 2.17 2.75 -14.80
N PRO A 129 3.05 3.73 -14.48
CA PRO A 129 4.44 3.43 -14.14
C PRO A 129 4.61 2.41 -13.00
N GLN A 130 3.76 2.47 -11.97
CA GLN A 130 3.78 1.56 -10.79
C GLN A 130 3.64 0.10 -11.24
N ASN A 131 2.97 -0.15 -12.38
CA ASN A 131 2.69 -1.50 -12.93
C ASN A 131 3.67 -1.83 -14.06
N LEU A 132 4.66 -0.96 -14.32
CA LEU A 132 5.81 -1.25 -15.22
C LEU A 132 7.06 -1.54 -14.37
N LEU A 133 7.53 -2.79 -14.37
CA LEU A 133 8.70 -3.25 -13.58
C LEU A 133 9.97 -3.13 -14.44
N ILE A 134 11.03 -2.54 -13.86
CA ILE A 134 12.37 -2.34 -14.51
C ILE A 134 13.44 -3.05 -13.67
N ASN A 135 14.34 -3.77 -14.35
CA ASN A 135 15.57 -4.38 -13.78
C ASN A 135 16.79 -3.59 -14.23
N ARG A 136 17.87 -3.65 -13.47
CA ARG A 136 19.15 -2.89 -13.68
C ARG A 136 19.67 -3.10 -15.12
N ASN A 137 19.50 -4.30 -15.68
CA ASN A 137 20.00 -4.67 -17.04
C ASN A 137 19.17 -3.97 -18.13
N GLY A 138 18.11 -3.24 -17.75
CA GLY A 138 17.34 -2.33 -18.63
C GLY A 138 16.13 -3.01 -19.27
N GLU A 139 15.65 -4.11 -18.67
CA GLU A 139 14.43 -4.85 -19.12
C GLU A 139 13.19 -4.21 -18.50
N LEU A 140 12.09 -4.15 -19.27
CA LEU A 140 10.77 -3.66 -18.80
C LEU A 140 9.74 -4.78 -18.95
N LYS A 141 8.90 -4.95 -17.93
CA LYS A 141 7.87 -6.01 -17.83
C LYS A 141 6.58 -5.41 -17.27
N LEU A 142 5.45 -5.60 -17.95
CA LEU A 142 4.14 -5.12 -17.41
C LEU A 142 3.61 -6.15 -16.40
N ALA A 143 3.02 -5.64 -15.31
CA ALA A 143 2.56 -6.41 -14.14
C ALA A 143 1.18 -5.93 -13.68
N ASP A 144 0.64 -6.59 -12.65
CA ASP A 144 -0.64 -6.26 -11.98
C ASP A 144 -1.79 -6.47 -12.97
N PHE A 145 -2.34 -7.69 -13.01
CA PHE A 145 -3.46 -8.11 -13.89
C PHE A 145 -4.71 -8.32 -13.03
N GLY A 146 -4.78 -7.62 -11.89
CA GLY A 146 -5.94 -7.64 -10.97
C GLY A 146 -7.18 -7.10 -11.62
N LEU A 147 -7.03 -6.12 -12.53
CA LEU A 147 -8.15 -5.43 -13.24
C LEU A 147 -8.19 -5.85 -14.72
N ALA A 148 -7.19 -6.63 -15.18
CA ALA A 148 -7.11 -7.22 -16.53
C ALA A 148 -8.32 -8.13 -16.75
N ARG A 149 -8.58 -8.51 -18.00
CA ARG A 149 -9.81 -9.23 -18.40
C ARG A 149 -9.65 -9.92 -19.76
N ALA A 150 -10.15 -11.14 -19.91
CA ALA A 150 -10.28 -11.85 -21.20
C ALA A 150 -11.50 -11.29 -21.94
N PHE A 151 -11.45 -11.28 -23.28
CA PHE A 151 -12.51 -10.71 -24.15
C PHE A 151 -12.63 -11.53 -25.43
N GLY A 152 -13.85 -11.59 -25.98
CA GLY A 152 -14.19 -12.33 -27.21
C GLY A 152 -15.63 -12.80 -27.18
N ILE A 153 -16.07 -13.34 -26.04
CA ILE A 153 -17.49 -13.68 -25.76
C ILE A 153 -18.31 -12.40 -25.89
N PRO A 154 -19.47 -12.44 -26.58
CA PRO A 154 -20.36 -11.28 -26.62
C PRO A 154 -20.88 -10.95 -25.21
N VAL A 155 -20.79 -9.68 -24.81
CA VAL A 155 -21.32 -9.17 -23.52
C VAL A 155 -22.10 -7.86 -23.75
N ARG A 156 -22.96 -7.51 -22.80
CA ARG A 156 -23.76 -6.25 -22.77
C ARG A 156 -22.80 -5.07 -22.61
N CYS A 157 -21.84 -5.18 -21.69
CA CYS A 157 -20.83 -4.13 -21.41
C CYS A 157 -19.71 -4.67 -20.52
N TYR A 158 -18.52 -4.05 -20.60
CA TYR A 158 -17.43 -4.18 -19.59
C TYR A 158 -17.66 -3.12 -18.51
N SER A 159 -16.66 -2.85 -17.66
CA SER A 159 -16.72 -1.79 -16.62
C SER A 159 -16.08 -0.51 -17.17
N ALA A 160 -16.69 0.65 -16.90
CA ALA A 160 -16.18 1.99 -17.24
C ALA A 160 -15.27 2.49 -16.11
N GLU A 161 -15.32 1.83 -14.94
CA GLU A 161 -14.51 2.15 -13.74
C GLU A 161 -13.24 1.31 -13.78
N VAL A 162 -12.44 1.51 -14.83
CA VAL A 162 -11.14 0.79 -15.06
C VAL A 162 -10.11 1.80 -15.58
N VAL A 163 -8.85 1.58 -15.23
CA VAL A 163 -7.69 2.47 -15.53
C VAL A 163 -7.74 3.65 -14.55
N THR A 164 -6.59 3.99 -13.98
CA THR A 164 -6.40 5.21 -13.14
C THR A 164 -6.69 6.44 -14.01
N LEU A 165 -7.50 7.36 -13.49
CA LEU A 165 -8.10 8.53 -14.20
C LEU A 165 -7.10 9.16 -15.19
N TRP A 166 -5.81 9.23 -14.84
CA TRP A 166 -4.78 9.95 -15.63
C TRP A 166 -4.44 9.24 -16.94
N TYR A 167 -4.75 7.93 -17.05
CA TYR A 167 -4.40 7.08 -18.22
C TYR A 167 -5.67 6.49 -18.86
N ARG A 168 -6.85 6.98 -18.47
CA ARG A 168 -8.15 6.52 -19.01
C ARG A 168 -8.42 7.25 -20.32
N PRO A 169 -8.81 6.53 -21.40
CA PRO A 169 -9.06 7.16 -22.70
C PRO A 169 -10.42 7.85 -22.75
N PRO A 170 -10.61 8.87 -23.62
CA PRO A 170 -11.82 9.69 -23.63
C PRO A 170 -13.14 8.93 -23.82
N ASP A 171 -13.13 7.85 -24.62
CA ASP A 171 -14.33 6.99 -24.83
C ASP A 171 -14.83 6.51 -23.47
N VAL A 172 -13.93 6.02 -22.62
CA VAL A 172 -14.26 5.41 -21.29
C VAL A 172 -14.66 6.52 -20.33
N LEU A 173 -13.97 7.67 -20.35
CA LEU A 173 -14.34 8.88 -19.57
C LEU A 173 -15.76 9.32 -19.92
N PHE A 174 -16.20 9.14 -21.17
CA PHE A 174 -17.58 9.42 -21.64
C PHE A 174 -18.48 8.21 -21.34
N GLY A 175 -17.97 7.22 -20.60
CA GLY A 175 -18.74 6.09 -20.03
C GLY A 175 -19.05 5.01 -21.05
N ALA A 176 -18.25 4.89 -22.12
CA ALA A 176 -18.45 3.92 -23.22
C ALA A 176 -18.68 2.52 -22.60
N LYS A 177 -19.77 1.86 -22.98
CA LYS A 177 -20.18 0.52 -22.48
C LYS A 177 -19.13 -0.54 -22.87
N LEU A 178 -18.78 -0.57 -24.16
CA LEU A 178 -17.81 -1.52 -24.76
C LEU A 178 -16.55 -0.77 -25.20
N TYR A 179 -15.40 -1.44 -25.06
CA TYR A 179 -14.07 -0.99 -25.57
C TYR A 179 -13.27 -2.22 -25.97
N SER A 180 -12.41 -2.09 -26.98
CA SER A 180 -11.52 -3.16 -27.51
C SER A 180 -10.13 -3.01 -26.89
N THR A 181 -9.12 -3.55 -27.55
CA THR A 181 -7.69 -3.51 -27.15
C THR A 181 -7.19 -2.06 -27.13
N SER A 182 -7.85 -1.16 -27.86
CA SER A 182 -7.47 0.27 -28.02
C SER A 182 -7.42 0.96 -26.66
N ILE A 183 -8.13 0.45 -25.64
CA ILE A 183 -8.15 1.02 -24.26
C ILE A 183 -6.71 1.12 -23.73
N ASP A 184 -5.90 0.09 -23.97
CA ASP A 184 -4.52 -0.03 -23.42
C ASP A 184 -3.56 0.84 -24.23
N MET A 185 -3.80 1.01 -25.53
CA MET A 185 -2.92 1.76 -26.46
C MET A 185 -2.95 3.27 -26.12
N TRP A 186 -4.04 3.76 -25.54
CA TRP A 186 -4.14 5.16 -25.05
C TRP A 186 -3.22 5.32 -23.82
N SER A 187 -3.44 4.50 -22.80
CA SER A 187 -2.60 4.42 -21.57
C SER A 187 -1.11 4.39 -21.96
N ALA A 188 -0.76 3.61 -23.00
CA ALA A 188 0.62 3.44 -23.51
C ALA A 188 1.14 4.77 -24.07
N GLY A 189 0.29 5.51 -24.79
CA GLY A 189 0.59 6.86 -25.29
C GLY A 189 0.90 7.81 -24.14
N CYS A 190 0.04 7.84 -23.11
CA CYS A 190 0.21 8.66 -21.87
C CYS A 190 1.56 8.37 -21.21
N ILE A 191 1.93 7.09 -21.15
CA ILE A 191 3.20 6.60 -20.51
C ILE A 191 4.39 7.08 -21.35
N PHE A 192 4.29 6.97 -22.68
CA PHE A 192 5.31 7.45 -23.65
C PHE A 192 5.67 8.91 -23.36
N ALA A 193 4.65 9.74 -23.13
CA ALA A 193 4.77 11.20 -22.89
C ALA A 193 5.50 11.47 -21.57
N GLU A 194 5.36 10.58 -20.58
CA GLU A 194 6.08 10.67 -19.28
C GLU A 194 7.56 10.37 -19.50
N LEU A 195 7.86 9.31 -20.26
CA LEU A 195 9.25 8.91 -20.61
C LEU A 195 9.93 10.07 -21.33
N ALA A 196 9.19 10.76 -22.22
CA ALA A 196 9.71 11.77 -23.17
C ALA A 196 9.87 13.14 -22.53
N ASN A 197 9.41 13.34 -21.29
CA ASN A 197 9.54 14.63 -20.55
C ASN A 197 10.16 14.33 -19.17
N ALA A 198 9.57 14.87 -18.09
CA ALA A 198 10.13 14.84 -16.72
C ALA A 198 9.56 13.67 -15.92
N GLY A 199 8.92 12.69 -16.59
CA GLY A 199 8.27 11.54 -15.95
C GLY A 199 6.99 11.95 -15.23
N ARG A 200 6.37 13.06 -15.67
CA ARG A 200 5.16 13.66 -15.06
C ARG A 200 3.95 13.34 -15.92
N PRO A 201 2.76 13.09 -15.30
CA PRO A 201 1.56 12.71 -16.03
C PRO A 201 1.17 13.78 -17.07
N LEU A 202 1.04 13.36 -18.33
CA LEU A 202 0.60 14.21 -19.47
C LEU A 202 -0.74 14.85 -19.13
N PHE A 203 -1.68 14.09 -18.57
CA PHE A 203 -3.09 14.52 -18.34
C PHE A 203 -3.48 14.27 -16.89
N PRO A 204 -3.00 15.08 -15.92
CA PRO A 204 -3.26 14.85 -14.49
C PRO A 204 -4.51 15.51 -13.89
N GLY A 205 -5.69 15.13 -14.37
CA GLY A 205 -6.99 15.74 -13.97
C GLY A 205 -7.43 15.34 -12.56
N ASN A 206 -8.28 16.18 -11.93
CA ASN A 206 -8.80 16.02 -10.55
C ASN A 206 -10.02 15.09 -10.58
N ASP A 207 -10.77 15.07 -11.68
CA ASP A 207 -11.99 14.24 -11.89
C ASP A 207 -12.11 13.92 -13.38
N VAL A 208 -13.21 13.27 -13.78
CA VAL A 208 -13.52 12.94 -15.20
C VAL A 208 -13.56 14.23 -16.03
N ASP A 209 -14.40 15.20 -15.63
CA ASP A 209 -14.61 16.48 -16.35
C ASP A 209 -13.26 17.15 -16.60
N ASP A 210 -12.46 17.35 -15.55
CA ASP A 210 -11.13 18.01 -15.60
C ASP A 210 -10.20 17.20 -16.51
N GLN A 211 -10.29 15.86 -16.44
CA GLN A 211 -9.44 14.97 -17.27
C GLN A 211 -9.71 15.27 -18.75
N LEU A 212 -10.98 15.21 -19.16
CA LEU A 212 -11.42 15.40 -20.58
C LEU A 212 -11.04 16.79 -21.08
N LYS A 213 -11.03 17.81 -20.20
CA LYS A 213 -10.64 19.19 -20.56
C LYS A 213 -9.14 19.25 -20.87
N ARG A 214 -8.31 18.47 -20.18
CA ARG A 214 -6.83 18.52 -20.34
C ARG A 214 -6.43 17.78 -21.63
N ILE A 215 -7.19 16.75 -22.01
CA ILE A 215 -6.94 15.93 -23.22
C ILE A 215 -7.31 16.73 -24.46
N PHE A 216 -8.48 17.40 -24.45
CA PHE A 216 -9.01 18.17 -25.60
C PHE A 216 -8.22 19.47 -25.74
N ARG A 217 -7.81 20.07 -24.62
CA ARG A 217 -7.06 21.35 -24.59
C ARG A 217 -5.78 21.20 -25.41
N LEU A 218 -5.13 20.03 -25.34
CA LEU A 218 -3.82 19.75 -26.00
C LEU A 218 -4.05 19.20 -27.42
N LEU A 219 -4.85 18.15 -27.55
CA LEU A 219 -5.01 17.38 -28.82
C LEU A 219 -6.08 18.03 -29.70
N GLY A 220 -7.01 18.78 -29.10
CA GLY A 220 -8.19 19.35 -29.77
C GLY A 220 -9.44 18.56 -29.44
N THR A 221 -10.59 19.24 -29.31
CA THR A 221 -11.92 18.59 -29.22
C THR A 221 -12.23 17.92 -30.55
N PRO A 222 -12.44 16.60 -30.58
CA PRO A 222 -12.86 15.91 -31.79
C PRO A 222 -14.12 16.50 -32.42
N THR A 223 -14.14 16.60 -33.76
CA THR A 223 -15.31 17.03 -34.57
C THR A 223 -16.24 15.84 -34.79
N GLU A 224 -17.39 16.07 -35.45
CA GLU A 224 -18.34 15.01 -35.85
C GLU A 224 -17.68 14.11 -36.88
N GLU A 225 -16.82 14.67 -37.75
CA GLU A 225 -16.11 13.96 -38.84
C GLU A 225 -15.10 12.98 -38.24
N GLN A 226 -14.27 13.47 -37.30
CA GLN A 226 -13.19 12.70 -36.61
C GLN A 226 -13.79 11.55 -35.80
N TRP A 227 -14.95 11.77 -35.19
CA TRP A 227 -15.52 10.85 -34.16
C TRP A 227 -17.04 11.02 -34.11
N PRO A 228 -17.79 10.44 -35.08
CA PRO A 228 -19.24 10.61 -35.14
C PRO A 228 -19.99 9.95 -33.98
N SER A 229 -19.41 8.89 -33.41
CA SER A 229 -19.98 8.08 -32.30
C SER A 229 -20.03 8.89 -30.99
N MET A 230 -19.21 9.95 -30.88
CA MET A 230 -18.89 10.64 -29.60
C MET A 230 -20.17 11.13 -28.89
N THR A 231 -21.00 11.91 -29.57
CA THR A 231 -22.20 12.58 -28.98
C THR A 231 -23.23 11.53 -28.55
N LYS A 232 -23.17 10.32 -29.12
CA LYS A 232 -24.12 9.22 -28.80
C LYS A 232 -23.66 8.47 -27.54
N LEU A 233 -22.46 8.73 -27.02
CA LEU A 233 -21.90 8.00 -25.84
C LEU A 233 -22.73 8.31 -24.60
N PRO A 234 -22.78 7.39 -23.59
CA PRO A 234 -23.74 7.50 -22.50
C PRO A 234 -23.58 8.75 -21.61
N ASP A 235 -22.35 9.10 -21.25
CA ASP A 235 -22.06 10.27 -20.36
C ASP A 235 -21.43 11.41 -21.19
N TYR A 236 -21.75 11.48 -22.49
CA TYR A 236 -21.36 12.63 -23.36
C TYR A 236 -21.98 13.91 -22.80
N LYS A 237 -21.24 15.03 -22.89
CA LYS A 237 -21.79 16.39 -22.72
C LYS A 237 -20.94 17.37 -23.53
N PRO A 238 -21.53 18.49 -24.02
CA PRO A 238 -20.79 19.47 -24.81
C PRO A 238 -19.51 19.97 -24.12
N TYR A 239 -18.38 19.87 -24.80
CA TYR A 239 -17.08 20.46 -24.38
C TYR A 239 -16.71 21.58 -25.35
N PRO A 240 -15.89 22.55 -24.91
CA PRO A 240 -15.45 23.63 -25.80
C PRO A 240 -14.72 23.01 -26.99
N MET A 241 -14.87 23.57 -28.19
CA MET A 241 -13.96 23.27 -29.32
C MET A 241 -12.62 23.92 -29.02
N TYR A 242 -11.61 23.12 -28.69
CA TYR A 242 -10.20 23.56 -28.55
C TYR A 242 -9.51 23.27 -29.88
N PRO A 243 -8.61 24.15 -30.37
CA PRO A 243 -7.99 23.97 -31.68
C PRO A 243 -7.08 22.74 -31.73
N ALA A 244 -6.96 22.14 -32.91
CA ALA A 244 -6.02 21.03 -33.24
C ALA A 244 -4.65 21.59 -33.64
N THR A 245 -4.41 22.88 -33.38
CA THR A 245 -3.22 23.66 -33.81
C THR A 245 -2.21 23.75 -32.65
N THR A 246 -2.55 23.24 -31.46
CA THR A 246 -1.71 23.30 -30.24
C THR A 246 -0.55 22.31 -30.39
N SER A 247 0.71 22.78 -30.28
CA SER A 247 1.93 21.99 -30.63
C SER A 247 2.39 21.14 -29.44
N LEU A 248 2.95 19.96 -29.72
CA LEU A 248 3.42 18.95 -28.73
C LEU A 248 4.91 19.14 -28.42
N VAL A 249 5.62 20.01 -29.13
CA VAL A 249 7.11 20.07 -29.10
C VAL A 249 7.57 20.37 -27.67
N ASN A 250 6.89 21.29 -26.97
CA ASN A 250 7.22 21.70 -25.58
C ASN A 250 6.77 20.61 -24.59
N VAL A 251 5.77 19.81 -24.97
CA VAL A 251 5.13 18.77 -24.10
C VAL A 251 6.02 17.51 -24.06
N VAL A 252 6.56 17.08 -25.20
CA VAL A 252 7.51 15.93 -25.32
C VAL A 252 8.77 16.41 -26.03
N PRO A 253 9.67 17.13 -25.32
CA PRO A 253 10.82 17.78 -25.96
C PRO A 253 12.00 16.86 -26.27
N LYS A 254 11.98 15.60 -25.81
CA LYS A 254 13.03 14.58 -26.09
C LYS A 254 12.75 13.90 -27.43
N LEU A 255 11.48 13.87 -27.87
CA LEU A 255 11.05 13.22 -29.14
C LEU A 255 11.23 14.22 -30.29
N ASN A 256 11.79 13.74 -31.41
CA ASN A 256 11.80 14.43 -32.72
C ASN A 256 10.50 14.06 -33.45
N ALA A 257 10.35 14.50 -34.71
CA ALA A 257 9.11 14.39 -35.52
C ALA A 257 8.58 12.96 -35.50
N THR A 258 9.44 11.96 -35.73
CA THR A 258 9.08 10.51 -35.80
C THR A 258 8.42 10.10 -34.48
N GLY A 259 9.11 10.32 -33.36
CA GLY A 259 8.59 10.05 -32.00
C GLY A 259 7.22 10.68 -31.80
N ARG A 260 7.10 11.98 -32.10
CA ARG A 260 5.86 12.79 -31.93
C ARG A 260 4.72 12.22 -32.78
N ASP A 261 5.03 11.63 -33.95
CA ASP A 261 4.01 11.04 -34.87
C ASP A 261 3.38 9.80 -34.20
N LEU A 262 4.21 8.90 -33.69
CA LEU A 262 3.79 7.67 -32.96
C LEU A 262 2.87 8.06 -31.79
N LEU A 263 3.30 9.07 -31.00
CA LEU A 263 2.57 9.55 -29.80
C LEU A 263 1.14 9.95 -30.18
N GLN A 264 0.96 10.56 -31.35
CA GLN A 264 -0.35 11.10 -31.80
C GLN A 264 -1.27 9.98 -32.28
N ASN A 265 -0.71 8.86 -32.76
CA ASN A 265 -1.48 7.68 -33.25
C ASN A 265 -1.95 6.82 -32.08
N LEU A 266 -1.25 6.90 -30.94
CA LEU A 266 -1.65 6.26 -29.65
C LEU A 266 -2.71 7.13 -28.97
N LEU A 267 -2.59 8.45 -29.09
CA LEU A 267 -3.48 9.45 -28.43
C LEU A 267 -4.53 9.96 -29.42
N LYS A 268 -5.14 9.07 -30.20
CA LYS A 268 -6.37 9.35 -31.00
C LYS A 268 -7.58 9.16 -30.08
N CYS A 269 -8.40 10.21 -29.92
CA CYS A 269 -9.56 10.21 -28.99
C CYS A 269 -10.55 9.13 -29.42
N ASN A 270 -10.91 9.07 -30.71
CA ASN A 270 -11.74 7.99 -31.30
C ASN A 270 -10.97 6.67 -31.20
N PRO A 271 -11.43 5.71 -30.37
CA PRO A 271 -10.71 4.45 -30.14
C PRO A 271 -10.38 3.66 -31.42
N VAL A 272 -11.27 3.70 -32.41
CA VAL A 272 -11.14 2.92 -33.68
C VAL A 272 -9.89 3.38 -34.43
N GLN A 273 -9.50 4.66 -34.28
CA GLN A 273 -8.36 5.28 -35.01
C GLN A 273 -7.03 5.01 -34.30
N ARG A 274 -7.04 4.57 -33.05
CA ARG A 274 -5.80 4.36 -32.26
C ARG A 274 -4.97 3.25 -32.91
N ILE A 275 -3.69 3.51 -33.15
CA ILE A 275 -2.72 2.50 -33.67
C ILE A 275 -2.72 1.30 -32.72
N SER A 276 -2.51 0.09 -33.26
CA SER A 276 -2.41 -1.18 -32.50
C SER A 276 -0.94 -1.42 -32.10
N ALA A 277 -0.72 -2.22 -31.05
CA ALA A 277 0.63 -2.61 -30.55
C ALA A 277 1.47 -3.14 -31.72
N GLU A 278 0.89 -4.01 -32.55
CA GLU A 278 1.56 -4.68 -33.69
C GLU A 278 2.01 -3.62 -34.70
N GLU A 279 1.09 -2.73 -35.08
CA GLU A 279 1.33 -1.60 -36.03
C GLU A 279 2.44 -0.67 -35.49
N ALA A 280 2.40 -0.39 -34.19
CA ALA A 280 3.31 0.56 -33.48
C ALA A 280 4.74 0.02 -33.46
N LEU A 281 4.91 -1.31 -33.38
CA LEU A 281 6.23 -1.98 -33.33
C LEU A 281 6.88 -1.95 -34.71
N GLN A 282 6.08 -1.71 -35.77
CA GLN A 282 6.53 -1.59 -37.18
C GLN A 282 6.60 -0.11 -37.59
N HIS A 283 6.50 0.82 -36.64
CA HIS A 283 6.57 2.29 -36.87
C HIS A 283 8.02 2.67 -37.13
N PRO A 284 8.28 3.70 -37.97
CA PRO A 284 9.64 4.21 -38.18
C PRO A 284 10.46 4.55 -36.92
N TYR A 285 9.80 4.87 -35.81
CA TYR A 285 10.43 5.23 -34.51
C TYR A 285 11.26 4.06 -33.97
N PHE A 286 10.93 2.82 -34.37
CA PHE A 286 11.59 1.56 -33.92
C PHE A 286 12.38 0.92 -35.07
N SER A 287 12.53 1.63 -36.19
CA SER A 287 13.41 1.23 -37.32
C SER A 287 14.87 1.43 -36.90
N ASP A 288 15.80 0.72 -37.55
CA ASP A 288 17.26 0.86 -37.33
C ASP A 288 17.80 1.95 -38.27
N PHE A 289 16.94 2.89 -38.68
CA PHE A 289 17.21 3.95 -39.69
C PHE A 289 16.88 5.34 -39.13
N CYS A 290 16.67 5.46 -37.81
CA CYS A 290 16.12 6.68 -37.14
C CYS A 290 17.25 7.51 -36.54
N PRO A 291 17.27 8.85 -36.78
CA PRO A 291 18.36 9.71 -36.27
C PRO A 291 18.37 9.82 -34.74
N LYS B 3 -20.61 0.94 11.46
CA LYS B 3 -20.87 2.37 11.84
C LYS B 3 -20.43 3.31 10.71
N TYR B 4 -19.29 3.00 10.07
CA TYR B 4 -18.75 3.72 8.89
C TYR B 4 -18.99 2.87 7.63
N GLU B 5 -18.99 3.50 6.45
CA GLU B 5 -19.31 2.87 5.16
C GLU B 5 -18.17 3.13 4.17
N LYS B 6 -17.41 2.07 3.84
CA LYS B 6 -16.13 2.13 3.08
C LYS B 6 -16.40 2.39 1.60
N LEU B 7 -15.71 3.39 1.02
CA LEU B 7 -15.67 3.68 -0.43
C LEU B 7 -14.41 3.07 -1.04
N GLY B 16 -0.61 -1.31 8.00
CA GLY B 16 -2.08 -1.16 7.90
C GLY B 16 -2.53 -0.67 6.54
N THR B 17 -3.81 -0.88 6.21
CA THR B 17 -4.44 -0.51 4.92
C THR B 17 -5.46 0.61 5.16
N VAL B 18 -5.48 1.62 4.29
CA VAL B 18 -6.25 2.89 4.45
C VAL B 18 -7.42 2.91 3.46
N PHE B 19 -8.64 3.19 3.95
CA PHE B 19 -9.88 3.36 3.14
C PHE B 19 -10.48 4.76 3.35
N LYS B 20 -11.20 5.26 2.35
CA LYS B 20 -12.08 6.45 2.46
C LYS B 20 -13.47 5.97 2.89
N ALA B 21 -14.04 6.57 3.95
CA ALA B 21 -15.37 6.21 4.50
C ALA B 21 -16.22 7.46 4.76
N LYS B 22 -17.54 7.24 4.91
CA LYS B 22 -18.52 8.23 5.41
C LYS B 22 -19.26 7.60 6.59
N ASN B 23 -19.30 8.28 7.74
CA ASN B 23 -20.09 7.88 8.92
C ASN B 23 -21.55 8.28 8.64
N ARG B 24 -22.48 7.31 8.64
CA ARG B 24 -23.92 7.54 8.35
C ARG B 24 -24.53 8.50 9.38
N GLU B 25 -24.12 8.39 10.65
CA GLU B 25 -24.58 9.27 11.77
C GLU B 25 -24.03 10.68 11.55
N THR B 26 -22.69 10.84 11.56
CA THR B 26 -21.95 12.10 11.30
C THR B 26 -21.44 12.11 9.85
N HIS B 27 -22.05 12.92 8.98
CA HIS B 27 -21.90 12.86 7.49
C HIS B 27 -20.48 13.24 7.04
N GLU B 28 -19.64 13.80 7.91
CA GLU B 28 -18.20 14.06 7.64
C GLU B 28 -17.58 12.82 6.97
N ILE B 29 -16.71 13.04 5.98
CA ILE B 29 -15.93 11.97 5.29
C ILE B 29 -14.63 11.78 6.08
N VAL B 30 -14.26 10.54 6.41
CA VAL B 30 -13.07 10.25 7.26
C VAL B 30 -12.15 9.25 6.55
N ALA B 31 -10.90 9.18 6.99
CA ALA B 31 -9.91 8.15 6.60
C ALA B 31 -9.91 7.05 7.67
N LEU B 32 -9.88 5.78 7.25
CA LEU B 32 -9.84 4.59 8.13
C LEU B 32 -8.54 3.82 7.88
N LYS B 33 -7.74 3.56 8.93
CA LYS B 33 -6.56 2.66 8.88
C LYS B 33 -6.91 1.37 9.64
N ARG B 34 -6.99 0.23 8.94
CA ARG B 34 -7.26 -1.08 9.57
C ARG B 34 -5.92 -1.80 9.83
N VAL B 35 -5.76 -2.33 11.04
CA VAL B 35 -4.50 -2.98 11.51
C VAL B 35 -4.86 -4.38 12.05
N ARG B 36 -4.54 -5.41 11.26
CA ARG B 36 -4.70 -6.84 11.63
C ARG B 36 -3.67 -7.17 12.70
N LEU B 37 -3.97 -8.12 13.58
CA LEU B 37 -3.06 -8.55 14.68
C LEU B 37 -2.90 -10.08 14.71
N ASP B 38 -3.22 -10.76 13.60
CA ASP B 38 -3.40 -12.25 13.57
C ASP B 38 -2.08 -12.94 13.21
N ASP B 39 -1.64 -12.85 11.95
CA ASP B 39 -0.62 -13.77 11.36
C ASP B 39 0.68 -13.00 11.06
N ASP B 40 1.75 -13.32 11.80
CA ASP B 40 3.18 -13.12 11.46
C ASP B 40 3.41 -11.88 10.59
N ASP B 41 2.88 -10.73 11.00
CA ASP B 41 3.34 -9.38 10.56
C ASP B 41 4.43 -8.90 11.53
N GLU B 42 4.59 -9.62 12.66
CA GLU B 42 5.75 -9.55 13.60
C GLU B 42 5.67 -8.26 14.43
N GLY B 43 4.64 -8.16 15.28
CA GLY B 43 4.48 -7.10 16.30
C GLY B 43 3.97 -5.79 15.72
N VAL B 44 3.32 -5.82 14.56
CA VAL B 44 2.72 -4.62 13.88
C VAL B 44 1.88 -3.84 14.89
N PRO B 45 0.98 -4.48 15.66
CA PRO B 45 0.17 -3.77 16.66
C PRO B 45 0.91 -2.81 17.60
N SER B 46 2.13 -3.16 18.04
CA SER B 46 2.98 -2.34 18.96
C SER B 46 3.07 -0.90 18.45
N SER B 47 3.35 -0.73 17.16
CA SER B 47 3.48 0.60 16.48
C SER B 47 2.13 1.33 16.53
N ALA B 48 1.02 0.62 16.32
CA ALA B 48 -0.35 1.17 16.30
C ALA B 48 -0.71 1.73 17.68
N LEU B 49 -0.37 1.02 18.76
CA LEU B 49 -0.68 1.42 20.17
C LEU B 49 0.07 2.72 20.49
N ARG B 50 1.36 2.79 20.14
CA ARG B 50 2.19 4.01 20.33
C ARG B 50 1.61 5.17 19.52
N GLU B 51 1.28 4.95 18.24
CA GLU B 51 0.68 5.98 17.34
C GLU B 51 -0.57 6.56 18.01
N ILE B 52 -1.43 5.70 18.58
CA ILE B 52 -2.67 6.10 19.31
C ILE B 52 -2.29 6.96 20.51
N CYS B 53 -1.46 6.44 21.42
CA CYS B 53 -1.02 7.13 22.68
C CYS B 53 -0.51 8.55 22.40
N LEU B 54 0.14 8.78 21.25
CA LEU B 54 0.79 10.07 20.92
C LEU B 54 -0.22 11.02 20.28
N LEU B 55 -1.04 10.52 19.34
CA LEU B 55 -2.04 11.33 18.59
C LEU B 55 -3.18 11.77 19.52
N LYS B 56 -3.38 11.07 20.64
CA LYS B 56 -4.40 11.45 21.67
C LYS B 56 -3.94 12.73 22.39
N GLU B 57 -2.67 13.10 22.28
CA GLU B 57 -2.05 14.25 23.02
C GLU B 57 -1.50 15.29 22.03
N LEU B 58 -1.72 15.12 20.72
CA LEU B 58 -1.12 16.01 19.67
C LEU B 58 -2.23 16.60 18.80
N LYS B 59 -2.95 17.58 19.34
CA LYS B 59 -4.07 18.30 18.68
C LYS B 59 -3.53 19.64 18.14
N HIS B 60 -3.51 19.80 16.81
CA HIS B 60 -3.04 21.01 16.09
C HIS B 60 -3.56 20.99 14.65
N LYS B 61 -3.77 22.17 14.05
CA LYS B 61 -4.43 22.34 12.72
C LYS B 61 -3.54 21.81 11.60
N ASN B 62 -2.24 21.64 11.87
CA ASN B 62 -1.21 21.18 10.88
C ASN B 62 -0.77 19.75 11.23
N ILE B 63 -1.48 19.06 12.13
CA ILE B 63 -1.28 17.62 12.45
C ILE B 63 -2.62 16.89 12.24
N VAL B 64 -2.63 15.83 11.44
CA VAL B 64 -3.81 14.93 11.23
C VAL B 64 -4.51 14.71 12.58
N ARG B 65 -5.83 14.82 12.58
CA ARG B 65 -6.71 14.58 13.76
C ARG B 65 -7.15 13.11 13.77
N LEU B 66 -6.74 12.36 14.80
CA LEU B 66 -7.30 11.02 15.09
C LEU B 66 -8.58 11.23 15.92
N HIS B 67 -9.74 10.93 15.35
CA HIS B 67 -11.08 11.21 15.92
C HIS B 67 -11.43 10.14 16.95
N ASP B 68 -11.22 8.86 16.62
CA ASP B 68 -11.60 7.70 17.48
C ASP B 68 -10.85 6.44 17.04
N VAL B 69 -10.83 5.41 17.88
CA VAL B 69 -10.26 4.06 17.60
C VAL B 69 -11.33 3.01 17.86
N LEU B 70 -11.50 2.05 16.94
CA LEU B 70 -12.52 0.97 16.99
C LEU B 70 -11.82 -0.40 16.99
N HIS B 71 -12.34 -1.35 17.76
CA HIS B 71 -11.77 -2.72 17.91
C HIS B 71 -12.81 -3.76 17.49
N SER B 72 -12.46 -4.66 16.56
CA SER B 72 -13.36 -5.72 16.01
C SER B 72 -12.56 -7.00 15.74
N ASP B 73 -13.25 -8.16 15.73
CA ASP B 73 -12.68 -9.51 15.55
C ASP B 73 -11.39 -9.44 14.71
N LYS B 74 -10.23 -9.62 15.37
CA LYS B 74 -8.88 -9.67 14.73
C LYS B 74 -8.67 -8.43 13.85
N LYS B 75 -8.97 -7.23 14.36
CA LYS B 75 -8.65 -5.96 13.66
C LYS B 75 -8.77 -4.75 14.59
N LEU B 76 -7.89 -3.77 14.43
CA LEU B 76 -7.95 -2.44 15.09
C LEU B 76 -8.06 -1.37 14.01
N THR B 77 -8.92 -0.36 14.19
CA THR B 77 -9.28 0.65 13.16
C THR B 77 -9.17 2.07 13.73
N LEU B 78 -8.17 2.84 13.27
CA LEU B 78 -8.00 4.27 13.58
C LEU B 78 -8.87 5.08 12.63
N VAL B 79 -9.50 6.16 13.11
CA VAL B 79 -10.40 7.05 12.33
C VAL B 79 -9.84 8.47 12.33
N PHE B 80 -9.12 8.83 11.26
CA PHE B 80 -8.56 10.19 11.04
C PHE B 80 -9.54 11.02 10.21
N GLU B 81 -9.46 12.35 10.31
CA GLU B 81 -10.05 13.29 9.33
C GLU B 81 -9.57 12.87 7.94
N PHE B 82 -10.38 13.08 6.90
CA PHE B 82 -10.02 12.79 5.49
C PHE B 82 -9.38 14.04 4.87
N CYS B 83 -8.30 13.82 4.12
CA CYS B 83 -7.59 14.86 3.33
C CYS B 83 -7.54 14.43 1.86
N ASP B 84 -7.72 15.39 0.95
CA ASP B 84 -8.04 15.17 -0.49
C ASP B 84 -6.92 14.37 -1.18
N GLN B 85 -5.67 14.52 -0.74
CA GLN B 85 -4.50 13.81 -1.32
C GLN B 85 -3.33 13.89 -0.33
N ASP B 86 -2.14 13.47 -0.78
CA ASP B 86 -0.83 13.73 -0.13
C ASP B 86 0.00 14.62 -1.07
N LEU B 87 1.23 14.97 -0.68
CA LEU B 87 2.13 15.88 -1.44
C LEU B 87 2.72 15.15 -2.65
N LYS B 88 2.92 13.83 -2.56
CA LYS B 88 3.50 12.98 -3.63
C LYS B 88 2.56 13.00 -4.85
N LYS B 89 1.26 12.78 -4.62
CA LYS B 89 0.21 12.84 -5.67
C LYS B 89 0.03 14.27 -6.16
N TYR B 90 0.17 15.26 -5.26
CA TYR B 90 0.00 16.71 -5.55
C TYR B 90 1.05 17.19 -6.56
N PHE B 91 2.28 16.65 -6.49
CA PHE B 91 3.38 16.98 -7.42
C PHE B 91 3.00 16.48 -8.82
N ASP B 92 2.65 15.20 -8.91
CA ASP B 92 2.18 14.55 -10.17
C ASP B 92 0.96 15.30 -10.73
N SER B 93 0.16 15.93 -9.86
CA SER B 93 -1.10 16.66 -10.22
C SER B 93 -0.78 18.04 -10.81
N CYS B 94 0.25 18.71 -10.30
CA CYS B 94 0.61 20.11 -10.66
C CYS B 94 1.90 20.15 -11.48
N ASN B 95 2.31 19.03 -12.07
CA ASN B 95 3.45 18.92 -13.03
C ASN B 95 4.78 19.05 -12.29
N GLY B 96 4.78 18.90 -10.95
CA GLY B 96 5.97 19.07 -10.09
C GLY B 96 6.27 20.53 -9.80
N ASP B 97 5.49 21.44 -10.40
CA ASP B 97 5.72 22.91 -10.42
C ASP B 97 4.74 23.58 -9.46
N LEU B 98 5.25 24.29 -8.45
CA LEU B 98 4.46 25.05 -7.44
C LEU B 98 4.76 26.55 -7.61
N ASP B 99 3.74 27.39 -7.40
CA ASP B 99 3.91 28.86 -7.26
C ASP B 99 4.80 29.12 -6.04
N PRO B 100 5.84 29.98 -6.13
CA PRO B 100 6.70 30.27 -4.98
C PRO B 100 5.99 30.54 -3.64
N GLU B 101 4.81 31.17 -3.70
CA GLU B 101 4.01 31.54 -2.50
C GLU B 101 3.38 30.28 -1.88
N ILE B 102 3.12 29.23 -2.68
CA ILE B 102 2.61 27.91 -2.21
C ILE B 102 3.74 27.19 -1.44
N VAL B 103 4.96 27.18 -2.01
CA VAL B 103 6.17 26.57 -1.39
C VAL B 103 6.32 27.11 0.03
N LYS B 104 6.16 28.43 0.19
CA LYS B 104 6.19 29.15 1.50
C LYS B 104 5.08 28.62 2.41
N SER B 105 3.84 28.60 1.92
CA SER B 105 2.63 28.14 2.67
C SER B 105 2.88 26.74 3.23
N PHE B 106 3.26 25.80 2.34
CA PHE B 106 3.45 24.36 2.65
C PHE B 106 4.54 24.19 3.73
N LEU B 107 5.71 24.81 3.53
CA LEU B 107 6.85 24.71 4.49
C LEU B 107 6.46 25.33 5.83
N PHE B 108 5.86 26.53 5.81
CA PHE B 108 5.37 27.24 7.03
C PHE B 108 4.51 26.27 7.86
N GLN B 109 3.50 25.66 7.22
CA GLN B 109 2.53 24.74 7.88
C GLN B 109 3.26 23.50 8.40
N LEU B 110 4.20 22.96 7.62
CA LEU B 110 5.02 21.77 7.99
C LEU B 110 5.79 22.07 9.28
N LEU B 111 6.43 23.24 9.35
CA LEU B 111 7.26 23.68 10.50
C LEU B 111 6.39 23.93 11.73
N LYS B 112 5.19 24.52 11.55
CA LYS B 112 4.22 24.76 12.65
C LYS B 112 3.86 23.41 13.29
N GLY B 113 3.36 22.47 12.47
CA GLY B 113 3.05 21.09 12.90
C GLY B 113 4.23 20.43 13.61
N LEU B 114 5.41 20.48 12.98
CA LEU B 114 6.67 19.87 13.52
C LEU B 114 7.09 20.59 14.81
N GLY B 115 7.00 21.92 14.83
CA GLY B 115 7.30 22.75 16.01
C GLY B 115 6.48 22.31 17.21
N PHE B 116 5.19 22.04 16.99
CA PHE B 116 4.23 21.55 18.02
C PHE B 116 4.71 20.19 18.55
N CYS B 117 4.93 19.24 17.64
CA CYS B 117 5.40 17.86 17.95
C CYS B 117 6.63 17.91 18.87
N HIS B 118 7.62 18.74 18.55
CA HIS B 118 8.91 18.83 19.29
C HIS B 118 8.64 19.44 20.67
N SER B 119 7.93 20.57 20.74
CA SER B 119 7.55 21.25 22.00
C SER B 119 6.83 20.29 22.95
N ARG B 120 5.98 19.40 22.40
CA ARG B 120 5.23 18.37 23.18
C ARG B 120 6.11 17.14 23.41
N ASN B 121 7.41 17.23 23.13
CA ASN B 121 8.45 16.20 23.39
C ASN B 121 8.18 14.93 22.56
N VAL B 122 7.94 15.08 21.26
CA VAL B 122 7.67 13.94 20.32
C VAL B 122 8.53 14.09 19.07
N LEU B 123 9.24 13.01 18.69
CA LEU B 123 9.95 12.90 17.38
C LEU B 123 9.03 12.17 16.40
N HIS B 124 8.93 12.67 15.15
CA HIS B 124 8.07 12.09 14.08
C HIS B 124 8.79 10.88 13.45
N ARG B 125 10.02 11.08 12.97
CA ARG B 125 10.97 10.03 12.50
C ARG B 125 10.50 9.37 11.20
N ASP B 126 9.62 10.00 10.42
CA ASP B 126 9.16 9.45 9.11
C ASP B 126 8.57 10.54 8.22
N LEU B 127 9.20 11.73 8.18
CA LEU B 127 8.77 12.83 7.28
C LEU B 127 9.09 12.45 5.82
N LYS B 128 8.18 12.79 4.91
CA LYS B 128 8.27 12.54 3.44
C LYS B 128 6.96 13.02 2.81
N PRO B 129 6.92 13.32 1.49
CA PRO B 129 5.70 13.82 0.85
C PRO B 129 4.46 12.93 1.08
N GLN B 130 4.63 11.61 1.06
CA GLN B 130 3.54 10.61 1.25
C GLN B 130 2.87 10.80 2.61
N ASN B 131 3.60 11.32 3.60
CA ASN B 131 3.11 11.54 5.00
C ASN B 131 2.72 13.01 5.21
N LEU B 132 2.77 13.83 4.15
CA LEU B 132 2.25 15.23 4.17
C LEU B 132 0.93 15.27 3.41
N LEU B 133 -0.19 15.47 4.12
CA LEU B 133 -1.57 15.45 3.56
C LEU B 133 -1.96 16.88 3.17
N ILE B 134 -2.50 17.05 1.96
CA ILE B 134 -3.00 18.35 1.40
C ILE B 134 -4.48 18.20 1.07
N ASN B 135 -5.32 19.13 1.55
CA ASN B 135 -6.75 19.20 1.18
C ASN B 135 -6.97 20.44 0.31
N ARG B 136 -8.09 20.46 -0.41
CA ARG B 136 -8.34 21.30 -1.62
C ARG B 136 -8.12 22.79 -1.30
N ASN B 137 -8.47 23.22 -0.08
CA ASN B 137 -8.36 24.64 0.36
C ASN B 137 -6.89 25.04 0.56
N GLY B 138 -5.95 24.10 0.43
CA GLY B 138 -4.49 24.35 0.39
C GLY B 138 -3.83 24.24 1.75
N GLU B 139 -4.46 23.52 2.69
CA GLU B 139 -3.94 23.25 4.07
C GLU B 139 -3.03 22.00 4.00
N LEU B 140 -1.92 22.02 4.76
CA LEU B 140 -0.97 20.88 4.87
C LEU B 140 -0.94 20.36 6.32
N LYS B 141 -0.95 19.03 6.47
CA LYS B 141 -1.07 18.33 7.77
C LYS B 141 -0.11 17.12 7.76
N LEU B 142 0.76 17.04 8.77
CA LEU B 142 1.74 15.94 8.98
C LEU B 142 0.99 14.71 9.52
N ALA B 143 1.28 13.51 9.00
CA ALA B 143 0.56 12.25 9.32
C ALA B 143 1.54 11.10 9.51
N ASP B 144 1.01 9.94 9.92
CA ASP B 144 1.74 8.65 10.06
C ASP B 144 2.75 8.79 11.21
N PHE B 145 2.32 8.42 12.43
CA PHE B 145 3.13 8.44 13.68
C PHE B 145 3.50 7.00 14.08
N GLY B 146 3.62 6.10 13.09
CA GLY B 146 3.96 4.68 13.30
C GLY B 146 5.35 4.51 13.88
N LEU B 147 6.28 5.40 13.52
CA LEU B 147 7.69 5.38 14.00
C LEU B 147 7.96 6.53 14.96
N ALA B 148 6.99 7.44 15.15
CA ALA B 148 7.07 8.57 16.11
C ALA B 148 7.30 8.02 17.51
N ARG B 149 7.91 8.81 18.40
CA ARG B 149 8.15 8.39 19.81
C ARG B 149 8.36 9.61 20.72
N ALA B 150 8.03 9.45 22.00
CA ALA B 150 8.24 10.42 23.08
C ALA B 150 9.71 10.37 23.51
N PHE B 151 10.26 11.50 23.96
CA PHE B 151 11.66 11.64 24.42
C PHE B 151 11.73 12.64 25.59
N GLY B 152 12.69 12.42 26.50
CA GLY B 152 12.86 13.23 27.73
C GLY B 152 13.36 12.39 28.89
N ILE B 153 12.80 11.17 29.04
CA ILE B 153 13.32 10.12 29.97
C ILE B 153 14.77 9.84 29.58
N PRO B 154 15.72 9.78 30.54
CA PRO B 154 17.08 9.35 30.24
C PRO B 154 17.08 7.89 29.74
N VAL B 155 17.69 7.63 28.58
CA VAL B 155 17.64 6.33 27.86
C VAL B 155 19.02 6.04 27.27
N ARG B 156 19.33 4.76 27.04
CA ARG B 156 20.63 4.30 26.50
C ARG B 156 20.76 4.72 25.03
N CYS B 157 19.70 4.50 24.23
CA CYS B 157 19.65 4.83 22.79
C CYS B 157 18.24 4.58 22.22
N TYR B 158 17.90 5.32 21.16
CA TYR B 158 16.70 5.09 20.30
C TYR B 158 17.11 4.11 19.20
N SER B 159 16.29 3.95 18.16
CA SER B 159 16.56 3.07 16.98
C SER B 159 17.17 3.91 15.86
N ALA B 160 18.15 3.35 15.15
CA ALA B 160 18.80 3.95 13.95
C ALA B 160 18.03 3.57 12.69
N GLU B 161 17.11 2.59 12.81
CA GLU B 161 16.30 2.04 11.70
C GLU B 161 14.98 2.82 11.61
N VAL B 162 15.08 4.12 11.27
CA VAL B 162 13.94 5.08 11.21
C VAL B 162 14.16 6.03 10.01
N VAL B 163 13.06 6.52 9.42
CA VAL B 163 13.02 7.48 8.28
C VAL B 163 13.34 6.73 6.97
N THR B 164 12.56 7.00 5.92
CA THR B 164 12.78 6.53 4.52
C THR B 164 14.15 6.99 4.05
N LEU B 165 14.97 6.08 3.51
CA LEU B 165 16.41 6.27 3.15
C LEU B 165 16.65 7.66 2.55
N TRP B 166 15.75 8.18 1.71
CA TRP B 166 15.96 9.43 0.94
C TRP B 166 15.92 10.67 1.85
N TYR B 167 15.30 10.56 3.03
CA TYR B 167 15.07 11.70 3.98
C TYR B 167 15.75 11.43 5.33
N ARG B 168 16.62 10.42 5.39
CA ARG B 168 17.39 10.06 6.60
C ARG B 168 18.61 10.98 6.67
N PRO B 169 18.87 11.62 7.83
CA PRO B 169 20.00 12.53 7.97
C PRO B 169 21.31 11.77 8.13
N PRO B 170 22.47 12.35 7.76
CA PRO B 170 23.73 11.60 7.71
C PRO B 170 24.15 10.97 9.05
N ASP B 171 23.83 11.61 10.19
CA ASP B 171 24.12 11.07 11.55
C ASP B 171 23.49 9.67 11.66
N VAL B 172 22.21 9.55 11.27
CA VAL B 172 21.42 8.29 11.40
C VAL B 172 21.90 7.27 10.35
N LEU B 173 22.22 7.70 9.13
CA LEU B 173 22.86 6.85 8.09
C LEU B 173 24.16 6.24 8.62
N PHE B 174 24.91 6.99 9.45
CA PHE B 174 26.14 6.51 10.13
C PHE B 174 25.77 5.74 11.41
N GLY B 175 24.47 5.46 11.60
CA GLY B 175 23.96 4.52 12.62
C GLY B 175 23.79 5.18 13.97
N ALA B 176 23.62 6.50 14.01
CA ALA B 176 23.45 7.31 15.24
C ALA B 176 22.43 6.64 16.16
N LYS B 177 22.86 6.35 17.40
CA LYS B 177 22.04 5.73 18.48
C LYS B 177 21.35 6.85 19.26
N LEU B 178 21.98 8.03 19.35
CA LEU B 178 21.45 9.21 20.09
C LEU B 178 21.15 10.31 19.08
N TYR B 179 19.90 10.79 19.02
CA TYR B 179 19.48 11.94 18.19
C TYR B 179 18.34 12.67 18.91
N SER B 180 18.30 14.00 18.72
CA SER B 180 17.26 14.91 19.27
C SER B 180 16.21 15.20 18.19
N THR B 181 15.52 16.33 18.33
CA THR B 181 14.47 16.82 17.41
C THR B 181 15.06 17.09 16.01
N SER B 182 16.37 17.32 15.93
CA SER B 182 17.10 17.69 14.70
C SER B 182 16.91 16.62 13.60
N ILE B 183 16.58 15.38 13.98
CA ILE B 183 16.34 14.25 13.02
C ILE B 183 15.28 14.66 12.01
N ASP B 184 14.20 15.32 12.47
CA ASP B 184 13.01 15.68 11.67
C ASP B 184 13.32 16.89 10.76
N MET B 185 14.18 17.80 11.25
CA MET B 185 14.49 19.09 10.58
C MET B 185 15.33 18.85 9.31
N TRP B 186 16.07 17.74 9.23
CA TRP B 186 16.79 17.33 7.99
C TRP B 186 15.77 16.92 6.93
N SER B 187 14.92 15.95 7.25
CA SER B 187 13.79 15.46 6.41
C SER B 187 13.03 16.68 5.84
N ALA B 188 12.76 17.68 6.71
CA ALA B 188 12.01 18.91 6.37
C ALA B 188 12.78 19.73 5.32
N GLY B 189 14.11 19.82 5.46
CA GLY B 189 15.01 20.46 4.47
C GLY B 189 14.91 19.80 3.11
N CYS B 190 15.00 18.46 3.09
CA CYS B 190 14.89 17.60 1.87
C CYS B 190 13.56 17.87 1.16
N ILE B 191 12.48 17.99 1.94
CA ILE B 191 11.09 18.22 1.45
C ILE B 191 11.01 19.64 0.83
N PHE B 192 11.60 20.63 1.50
CA PHE B 192 11.68 22.05 1.04
C PHE B 192 12.26 22.08 -0.38
N ALA B 193 13.35 21.33 -0.62
CA ALA B 193 14.09 21.29 -1.90
C ALA B 193 13.22 20.69 -3.01
N GLU B 194 12.31 19.76 -2.66
CA GLU B 194 11.34 19.16 -3.61
C GLU B 194 10.31 20.23 -4.01
N LEU B 195 9.76 20.96 -3.03
CA LEU B 195 8.79 22.06 -3.27
C LEU B 195 9.41 23.10 -4.20
N ALA B 196 10.71 23.39 -4.01
CA ALA B 196 11.43 24.53 -4.64
C ALA B 196 11.91 24.20 -6.05
N ASN B 197 11.81 22.93 -6.48
CA ASN B 197 12.20 22.50 -7.85
C ASN B 197 11.03 21.74 -8.48
N ALA B 198 11.29 20.55 -9.07
CA ALA B 198 10.30 19.77 -9.87
C ALA B 198 9.60 18.71 -9.00
N GLY B 199 9.73 18.81 -7.67
CA GLY B 199 9.10 17.87 -6.71
C GLY B 199 9.82 16.52 -6.68
N ARG B 200 11.11 16.49 -7.04
CA ARG B 200 11.92 15.24 -7.12
C ARG B 200 12.87 15.13 -5.92
N PRO B 201 13.10 13.91 -5.39
CA PRO B 201 13.94 13.72 -4.21
C PRO B 201 15.36 14.27 -4.42
N LEU B 202 15.79 15.16 -3.52
CA LEU B 202 17.14 15.79 -3.56
C LEU B 202 18.22 14.70 -3.55
N PHE B 203 18.07 13.68 -2.70
CA PHE B 203 19.09 12.64 -2.43
C PHE B 203 18.48 11.25 -2.59
N PRO B 204 18.23 10.78 -3.84
CA PRO B 204 17.59 9.50 -4.09
C PRO B 204 18.51 8.27 -4.21
N GLY B 205 19.21 7.91 -3.13
CA GLY B 205 20.22 6.82 -3.11
C GLY B 205 19.60 5.43 -3.16
N ASN B 206 20.39 4.44 -3.59
CA ASN B 206 19.99 3.01 -3.75
C ASN B 206 20.09 2.29 -2.39
N ASP B 207 21.04 2.70 -1.55
CA ASP B 207 21.33 2.10 -0.21
C ASP B 207 21.92 3.19 0.68
N VAL B 208 22.36 2.83 1.90
CA VAL B 208 23.00 3.78 2.87
C VAL B 208 24.24 4.40 2.22
N ASP B 209 25.19 3.57 1.77
CA ASP B 209 26.48 4.02 1.18
C ASP B 209 26.22 5.03 0.07
N ASP B 210 25.37 4.67 -0.90
CA ASP B 210 25.02 5.52 -2.06
C ASP B 210 24.34 6.81 -1.57
N GLN B 211 23.49 6.71 -0.55
CA GLN B 211 22.79 7.88 0.03
C GLN B 211 23.84 8.90 0.51
N LEU B 212 24.77 8.46 1.37
CA LEU B 212 25.84 9.30 1.98
C LEU B 212 26.71 9.93 0.89
N LYS B 213 26.95 9.23 -0.22
CA LYS B 213 27.77 9.74 -1.35
C LYS B 213 27.02 10.88 -2.06
N ARG B 214 25.69 10.83 -2.14
CA ARG B 214 24.88 11.85 -2.86
C ARG B 214 24.75 13.12 -2.02
N ILE B 215 24.75 12.99 -0.69
CA ILE B 215 24.62 14.12 0.27
C ILE B 215 25.94 14.89 0.31
N PHE B 216 27.06 14.17 0.39
CA PHE B 216 28.43 14.76 0.47
C PHE B 216 28.82 15.34 -0.90
N ARG B 217 28.44 14.66 -1.99
CA ARG B 217 28.79 15.07 -3.38
C ARG B 217 28.26 16.48 -3.64
N LEU B 218 27.07 16.83 -3.08
CA LEU B 218 26.38 18.13 -3.29
C LEU B 218 26.83 19.16 -2.25
N LEU B 219 26.72 18.81 -0.97
CA LEU B 219 26.92 19.74 0.18
C LEU B 219 28.40 19.82 0.55
N GLY B 220 29.16 18.76 0.23
CA GLY B 220 30.58 18.60 0.60
C GLY B 220 30.74 17.62 1.75
N THR B 221 31.81 16.84 1.76
CA THR B 221 32.17 15.95 2.91
C THR B 221 32.51 16.83 4.12
N PRO B 222 31.77 16.71 5.24
CA PRO B 222 32.09 17.49 6.43
C PRO B 222 33.52 17.22 6.95
N THR B 223 34.18 18.28 7.42
CA THR B 223 35.52 18.23 8.07
C THR B 223 35.33 17.89 9.55
N GLU B 224 36.43 17.71 10.29
CA GLU B 224 36.42 17.50 11.76
C GLU B 224 35.95 18.80 12.44
N GLU B 225 36.24 19.96 11.84
CA GLU B 225 35.87 21.30 12.37
C GLU B 225 34.35 21.48 12.28
N GLN B 226 33.78 21.20 11.11
CA GLN B 226 32.33 21.33 10.79
C GLN B 226 31.50 20.38 11.67
N TRP B 227 32.03 19.19 11.95
CA TRP B 227 31.27 18.08 12.59
C TRP B 227 32.23 17.16 13.36
N PRO B 228 32.67 17.56 14.56
CA PRO B 228 33.62 16.77 15.35
C PRO B 228 33.06 15.44 15.88
N SER B 229 31.73 15.36 16.05
CA SER B 229 31.00 14.17 16.56
C SER B 229 31.03 13.02 15.53
N MET B 230 31.32 13.32 14.26
CA MET B 230 31.14 12.41 13.09
C MET B 230 31.91 11.10 13.29
N THR B 231 33.22 11.18 13.55
CA THR B 231 34.14 10.02 13.65
C THR B 231 33.76 9.15 14.86
N LYS B 232 33.02 9.70 15.83
CA LYS B 232 32.55 8.99 17.05
C LYS B 232 31.32 8.12 16.72
N LEU B 233 30.67 8.32 15.57
CA LEU B 233 29.40 7.62 15.23
C LEU B 233 29.68 6.14 15.00
N PRO B 234 28.70 5.24 15.28
CA PRO B 234 28.94 3.80 15.32
C PRO B 234 29.40 3.18 13.99
N ASP B 235 28.74 3.55 12.89
CA ASP B 235 29.04 2.99 11.54
C ASP B 235 29.76 4.02 10.68
N TYR B 236 30.49 4.97 11.29
CA TYR B 236 31.34 5.95 10.56
C TYR B 236 32.42 5.22 9.78
N LYS B 237 32.75 5.73 8.59
CA LYS B 237 33.98 5.37 7.83
C LYS B 237 34.39 6.54 6.95
N PRO B 238 35.71 6.72 6.68
CA PRO B 238 36.16 7.79 5.79
C PRO B 238 35.48 7.74 4.41
N TYR B 239 34.93 8.87 3.96
CA TYR B 239 34.40 9.10 2.59
C TYR B 239 35.31 10.08 1.85
N PRO B 240 35.28 10.12 0.51
CA PRO B 240 36.10 11.06 -0.25
C PRO B 240 35.72 12.49 0.16
N MET B 241 36.70 13.39 0.22
CA MET B 241 36.45 14.86 0.32
C MET B 241 35.85 15.34 -1.00
N TYR B 242 34.55 15.66 -1.01
CA TYR B 242 33.86 16.30 -2.15
C TYR B 242 33.82 17.80 -1.90
N PRO B 243 33.99 18.66 -2.94
CA PRO B 243 33.89 20.11 -2.76
C PRO B 243 32.47 20.56 -2.37
N ALA B 244 32.36 21.64 -1.59
CA ALA B 244 31.12 22.06 -0.89
C ALA B 244 30.40 23.18 -1.67
N THR B 245 30.96 23.64 -2.79
CA THR B 245 30.66 24.96 -3.41
C THR B 245 29.70 24.83 -4.60
N THR B 246 28.63 24.03 -4.45
CA THR B 246 27.58 23.82 -5.48
C THR B 246 26.70 25.08 -5.58
N SER B 247 26.59 25.86 -4.49
CA SER B 247 25.87 27.17 -4.42
C SER B 247 24.37 26.97 -4.21
N LEU B 248 23.74 26.05 -4.96
CA LEU B 248 22.36 25.53 -4.79
C LEU B 248 21.36 26.28 -5.68
N VAL B 249 21.80 27.32 -6.40
CA VAL B 249 20.92 28.16 -7.26
C VAL B 249 20.21 27.26 -8.28
N ASN B 250 20.95 26.32 -8.89
CA ASN B 250 20.44 25.37 -9.92
C ASN B 250 19.54 24.30 -9.27
N VAL B 251 19.76 24.01 -7.98
CA VAL B 251 19.08 22.92 -7.22
C VAL B 251 17.68 23.39 -6.79
N VAL B 252 17.57 24.63 -6.29
CA VAL B 252 16.28 25.26 -5.87
C VAL B 252 16.16 26.61 -6.57
N PRO B 253 15.77 26.62 -7.87
CA PRO B 253 15.72 27.85 -8.65
C PRO B 253 14.49 28.75 -8.39
N LYS B 254 13.50 28.27 -7.63
CA LYS B 254 12.28 29.05 -7.23
C LYS B 254 12.59 29.92 -6.01
N LEU B 255 13.57 29.51 -5.19
CA LEU B 255 14.01 30.26 -3.97
C LEU B 255 15.03 31.33 -4.37
N ASN B 256 14.87 32.53 -3.81
CA ASN B 256 15.88 33.62 -3.82
C ASN B 256 16.84 33.39 -2.64
N ALA B 257 17.77 34.31 -2.39
CA ALA B 257 18.86 34.19 -1.39
C ALA B 257 18.30 33.81 -0.01
N THR B 258 17.22 34.47 0.43
CA THR B 258 16.53 34.25 1.74
C THR B 258 16.13 32.77 1.85
N GLY B 259 15.33 32.28 0.89
CA GLY B 259 14.89 30.89 0.81
C GLY B 259 16.07 29.93 0.90
N ARG B 260 17.10 30.15 0.07
CA ARG B 260 18.33 29.31 -0.03
C ARG B 260 19.06 29.27 1.31
N ASP B 261 19.02 30.36 2.09
CA ASP B 261 19.69 30.45 3.42
C ASP B 261 19.02 29.47 4.39
N LEU B 262 17.69 29.52 4.49
CA LEU B 262 16.86 28.62 5.34
C LEU B 262 17.17 27.16 4.99
N LEU B 263 17.20 26.83 3.70
CA LEU B 263 17.42 25.46 3.18
C LEU B 263 18.76 24.91 3.69
N GLN B 264 19.78 25.76 3.79
CA GLN B 264 21.16 25.37 4.20
C GLN B 264 21.21 25.09 5.70
N ASN B 265 20.38 25.76 6.49
CA ASN B 265 20.33 25.65 7.97
C ASN B 265 19.54 24.38 8.37
N LEU B 266 18.66 23.89 7.51
CA LEU B 266 17.94 22.60 7.67
C LEU B 266 18.84 21.44 7.24
N LEU B 267 19.66 21.65 6.19
CA LEU B 267 20.51 20.60 5.58
C LEU B 267 21.96 20.72 6.07
N LYS B 268 22.15 20.95 7.38
CA LYS B 268 23.46 20.83 8.07
C LYS B 268 23.65 19.35 8.42
N CYS B 269 24.74 18.73 7.95
CA CYS B 269 25.09 17.31 8.21
C CYS B 269 25.22 17.07 9.73
N ASN B 270 25.94 17.96 10.43
CA ASN B 270 26.03 17.99 11.91
C ASN B 270 24.66 18.28 12.51
N PRO B 271 24.01 17.32 13.20
CA PRO B 271 22.67 17.54 13.76
C PRO B 271 22.54 18.75 14.69
N VAL B 272 23.57 19.05 15.47
CA VAL B 272 23.59 20.15 16.48
C VAL B 272 23.41 21.51 15.76
N GLN B 273 23.89 21.62 14.52
CA GLN B 273 23.90 22.87 13.72
C GLN B 273 22.54 23.08 13.03
N ARG B 274 21.71 22.04 12.90
CA ARG B 274 20.42 22.12 12.18
C ARG B 274 19.49 23.09 12.92
N ILE B 275 18.96 24.08 12.20
CA ILE B 275 17.95 25.06 12.72
C ILE B 275 16.76 24.27 13.27
N SER B 276 16.11 24.79 14.32
CA SER B 276 14.90 24.21 14.93
C SER B 276 13.65 24.75 14.23
N ALA B 277 12.53 24.02 14.30
CA ALA B 277 11.22 24.40 13.73
C ALA B 277 10.85 25.82 14.19
N GLU B 278 11.00 26.09 15.49
CA GLU B 278 10.63 27.39 16.13
C GLU B 278 11.49 28.51 15.55
N GLU B 279 12.80 28.31 15.48
CA GLU B 279 13.79 29.26 14.90
C GLU B 279 13.47 29.54 13.43
N ALA B 280 13.12 28.50 12.67
CA ALA B 280 12.85 28.52 11.21
C ALA B 280 11.59 29.34 10.91
N LEU B 281 10.60 29.30 11.80
CA LEU B 281 9.30 30.02 11.65
C LEU B 281 9.52 31.52 11.86
N GLN B 282 10.63 31.91 12.51
CA GLN B 282 11.03 33.32 12.78
C GLN B 282 12.11 33.76 11.79
N HIS B 283 12.36 32.98 10.74
CA HIS B 283 13.36 33.27 9.67
C HIS B 283 12.80 34.37 8.77
N PRO B 284 13.67 35.24 8.19
CA PRO B 284 13.24 36.24 7.20
C PRO B 284 12.39 35.72 6.01
N TYR B 285 12.51 34.44 5.66
CA TYR B 285 11.77 33.79 4.54
C TYR B 285 10.27 33.81 4.81
N PHE B 286 9.86 33.89 6.09
CA PHE B 286 8.44 33.89 6.54
C PHE B 286 8.06 35.26 7.14
N SER B 287 8.88 36.29 6.91
CA SER B 287 8.59 37.70 7.28
C SER B 287 7.48 38.24 6.38
N ASP B 288 7.62 38.06 5.06
CA ASP B 288 6.59 38.38 4.03
C ASP B 288 5.66 37.17 3.87
N ALA C 48 -32.06 -19.30 -26.41
CA ALA C 48 -31.27 -18.08 -26.03
C ALA C 48 -31.83 -17.46 -24.74
N SER C 49 -32.50 -18.25 -23.88
CA SER C 49 -33.13 -17.80 -22.62
C SER C 49 -32.31 -18.31 -21.42
N THR C 50 -32.05 -17.43 -20.44
CA THR C 50 -31.22 -17.74 -19.24
C THR C 50 -31.84 -18.91 -18.48
N SER C 51 -33.11 -18.83 -18.08
CA SER C 51 -33.82 -19.87 -17.28
C SER C 51 -33.75 -21.23 -18.00
N GLU C 52 -33.89 -21.23 -19.33
CA GLU C 52 -33.85 -22.46 -20.17
C GLU C 52 -32.43 -23.05 -20.18
N LEU C 53 -31.40 -22.20 -20.18
CA LEU C 53 -29.97 -22.62 -20.17
C LEU C 53 -29.59 -23.09 -18.76
N LEU C 54 -30.10 -22.43 -17.72
CA LEU C 54 -29.95 -22.86 -16.29
C LEU C 54 -30.54 -24.26 -16.14
N ARG C 55 -31.76 -24.47 -16.66
CA ARG C 55 -32.50 -25.75 -16.63
C ARG C 55 -31.62 -26.85 -17.24
N CYS C 56 -31.09 -26.60 -18.44
CA CYS C 56 -30.18 -27.52 -19.19
C CYS C 56 -29.00 -27.92 -18.30
N LEU C 57 -28.34 -26.94 -17.66
CA LEU C 57 -27.18 -27.16 -16.76
C LEU C 57 -27.60 -28.07 -15.61
N GLY C 58 -28.75 -27.78 -14.98
CA GLY C 58 -29.33 -28.57 -13.88
C GLY C 58 -29.66 -29.99 -14.33
N GLU C 59 -30.10 -30.16 -15.58
CA GLU C 59 -30.44 -31.48 -16.16
C GLU C 59 -29.14 -32.21 -16.48
N PHE C 60 -28.12 -31.47 -16.92
CA PHE C 60 -26.76 -32.01 -17.18
C PHE C 60 -26.17 -32.56 -15.89
N LEU C 61 -26.21 -31.75 -14.83
CA LEU C 61 -25.60 -32.08 -13.51
C LEU C 61 -26.26 -33.34 -12.95
N CYS C 62 -27.57 -33.48 -13.10
CA CYS C 62 -28.36 -34.65 -12.66
C CYS C 62 -27.93 -35.91 -13.42
N ARG C 63 -27.77 -35.80 -14.74
N ARG C 63 -27.78 -35.80 -14.74
CA ARG C 63 -27.28 -36.89 -15.62
CA ARG C 63 -27.27 -36.88 -15.65
C ARG C 63 -25.86 -37.30 -15.20
C ARG C 63 -25.86 -37.30 -15.20
N ARG C 64 -24.97 -36.32 -15.04
CA ARG C 64 -23.52 -36.54 -14.72
C ARG C 64 -23.37 -37.30 -13.40
N CYS C 65 -24.09 -36.89 -12.34
CA CYS C 65 -23.91 -37.38 -10.95
C CYS C 65 -24.98 -38.43 -10.63
N TYR C 66 -24.84 -39.63 -11.20
CA TYR C 66 -25.80 -40.77 -11.11
C TYR C 66 -26.06 -41.11 -9.62
N ARG C 67 -25.01 -41.08 -8.80
CA ARG C 67 -25.02 -41.43 -7.35
C ARG C 67 -26.09 -40.62 -6.60
N LEU C 68 -26.31 -39.36 -6.98
CA LEU C 68 -27.32 -38.46 -6.36
C LEU C 68 -28.72 -38.89 -6.84
N LYS C 69 -29.45 -39.58 -5.95
CA LYS C 69 -30.77 -40.19 -6.24
C LYS C 69 -31.89 -39.18 -5.95
N HIS C 70 -31.71 -38.32 -4.94
CA HIS C 70 -32.73 -37.33 -4.49
C HIS C 70 -32.31 -35.90 -4.83
N LEU C 71 -31.60 -35.71 -5.95
CA LEU C 71 -31.25 -34.37 -6.49
C LEU C 71 -32.25 -34.01 -7.61
N SER C 72 -32.81 -32.79 -7.54
CA SER C 72 -33.72 -32.20 -8.55
C SER C 72 -32.90 -31.32 -9.48
N PRO C 73 -33.21 -31.28 -10.81
CA PRO C 73 -32.56 -30.33 -11.71
C PRO C 73 -32.91 -28.85 -11.46
N THR C 74 -33.72 -28.57 -10.43
CA THR C 74 -34.06 -27.20 -9.98
C THR C 74 -33.13 -26.76 -8.85
N ASP C 75 -32.45 -27.70 -8.20
CA ASP C 75 -31.57 -27.45 -7.01
C ASP C 75 -30.37 -26.62 -7.47
N PRO C 76 -29.64 -27.03 -8.53
CA PRO C 76 -28.58 -26.20 -9.09
C PRO C 76 -29.10 -24.78 -9.38
N VAL C 77 -30.17 -24.67 -10.15
CA VAL C 77 -30.79 -23.37 -10.57
C VAL C 77 -31.04 -22.51 -9.33
N LEU C 78 -31.64 -23.10 -8.30
CA LEU C 78 -31.96 -22.43 -7.00
C LEU C 78 -30.68 -21.87 -6.38
N TRP C 79 -29.65 -22.72 -6.25
CA TRP C 79 -28.35 -22.39 -5.60
C TRP C 79 -27.68 -21.22 -6.33
N LEU C 80 -27.68 -21.25 -7.66
CA LEU C 80 -27.02 -20.22 -8.52
C LEU C 80 -27.75 -18.89 -8.36
N ARG C 81 -29.08 -18.91 -8.49
CA ARG C 81 -29.95 -17.70 -8.40
C ARG C 81 -29.91 -17.11 -6.99
N SER C 82 -29.72 -17.94 -5.96
CA SER C 82 -29.61 -17.51 -4.52
C SER C 82 -28.36 -16.64 -4.34
N VAL C 83 -27.24 -17.06 -4.92
CA VAL C 83 -25.93 -16.32 -4.86
C VAL C 83 -26.10 -14.99 -5.61
N ASP C 84 -26.64 -15.04 -6.84
CA ASP C 84 -26.75 -13.86 -7.74
C ASP C 84 -27.65 -12.81 -7.09
N ARG C 85 -28.79 -13.24 -6.52
CA ARG C 85 -29.74 -12.36 -5.79
C ARG C 85 -29.03 -11.78 -4.56
N SER C 86 -28.37 -12.63 -3.76
CA SER C 86 -27.69 -12.25 -2.50
C SER C 86 -26.67 -11.13 -2.74
N LEU C 87 -25.91 -11.18 -3.83
CA LEU C 87 -24.84 -10.19 -4.15
C LEU C 87 -25.47 -8.87 -4.60
N LEU C 88 -26.59 -8.93 -5.30
CA LEU C 88 -27.33 -7.74 -5.83
C LEU C 88 -27.92 -6.94 -4.66
N LEU C 89 -28.62 -7.62 -3.75
CA LEU C 89 -29.35 -6.99 -2.61
C LEU C 89 -28.38 -6.59 -1.49
N GLN C 90 -27.12 -7.02 -1.55
CA GLN C 90 -26.05 -6.59 -0.59
C GLN C 90 -25.20 -5.48 -1.22
N GLY C 91 -25.47 -5.15 -2.48
CA GLY C 91 -24.73 -4.11 -3.24
C GLY C 91 -23.27 -4.48 -3.42
N TRP C 92 -23.02 -5.60 -4.10
CA TRP C 92 -21.70 -5.96 -4.65
C TRP C 92 -21.71 -5.79 -6.17
N GLN C 93 -22.90 -5.70 -6.77
CA GLN C 93 -23.08 -5.54 -8.24
C GLN C 93 -24.37 -4.74 -8.50
N ASP C 94 -24.43 -4.10 -9.67
CA ASP C 94 -25.55 -3.24 -10.13
C ASP C 94 -26.58 -4.12 -10.85
N GLN C 95 -26.10 -5.01 -11.72
CA GLN C 95 -26.91 -6.00 -12.47
C GLN C 95 -26.51 -7.42 -12.04
N GLY C 96 -27.31 -8.42 -12.43
CA GLY C 96 -27.05 -9.84 -12.16
C GLY C 96 -25.97 -10.38 -13.08
N PHE C 97 -25.14 -11.29 -12.58
CA PHE C 97 -24.04 -11.96 -13.32
C PHE C 97 -24.62 -12.96 -14.33
N ILE C 98 -25.63 -13.74 -13.92
CA ILE C 98 -26.14 -14.92 -14.67
C ILE C 98 -26.85 -14.45 -15.95
N THR C 99 -26.11 -14.40 -17.06
CA THR C 99 -26.61 -14.16 -18.43
C THR C 99 -26.34 -15.41 -19.26
N PRO C 100 -26.88 -15.53 -20.49
CA PRO C 100 -26.68 -16.76 -21.28
C PRO C 100 -25.21 -17.16 -21.41
N ALA C 101 -24.35 -16.22 -21.79
CA ALA C 101 -22.91 -16.43 -22.08
C ALA C 101 -22.18 -16.91 -20.83
N ASN C 102 -22.52 -16.36 -19.66
CA ASN C 102 -21.88 -16.71 -18.36
C ASN C 102 -22.30 -18.12 -17.94
N VAL C 103 -23.56 -18.48 -18.16
CA VAL C 103 -24.11 -19.84 -17.87
C VAL C 103 -23.38 -20.86 -18.76
N VAL C 104 -23.17 -20.51 -20.04
CA VAL C 104 -22.37 -21.33 -21.01
C VAL C 104 -20.93 -21.47 -20.47
N PHE C 105 -20.33 -20.36 -20.02
CA PHE C 105 -18.96 -20.33 -19.43
C PHE C 105 -18.91 -21.27 -18.22
N LEU C 106 -19.90 -21.18 -17.33
CA LEU C 106 -20.01 -22.00 -16.09
C LEU C 106 -20.08 -23.48 -16.48
N TYR C 107 -20.92 -23.80 -17.46
CA TYR C 107 -21.16 -25.18 -17.95
C TYR C 107 -19.82 -25.79 -18.38
N MET C 108 -19.03 -25.05 -19.16
CA MET C 108 -17.69 -25.48 -19.63
C MET C 108 -16.87 -25.95 -18.44
N LEU C 109 -16.77 -25.12 -17.39
CA LEU C 109 -16.03 -25.45 -16.14
C LEU C 109 -16.62 -26.74 -15.55
N CYS C 110 -17.93 -26.71 -15.27
CA CYS C 110 -18.69 -27.81 -14.61
C CYS C 110 -18.37 -29.16 -15.26
N ARG C 111 -18.47 -29.23 -16.58
CA ARG C 111 -18.44 -30.52 -17.32
C ARG C 111 -17.04 -31.14 -17.25
N ASP C 112 -15.99 -30.36 -16.99
CA ASP C 112 -14.60 -30.85 -16.91
C ASP C 112 -14.15 -30.97 -15.44
N VAL C 113 -14.91 -30.43 -14.48
CA VAL C 113 -14.52 -30.41 -13.03
C VAL C 113 -15.41 -31.39 -12.24
N ILE C 114 -16.74 -31.31 -12.42
CA ILE C 114 -17.72 -32.12 -11.64
C ILE C 114 -17.62 -33.59 -12.05
N SER C 115 -16.99 -34.40 -11.19
CA SER C 115 -16.86 -35.89 -11.28
C SER C 115 -18.22 -36.57 -11.18
N SER C 116 -18.39 -37.71 -11.87
CA SER C 116 -19.60 -38.56 -11.80
C SER C 116 -19.75 -39.12 -10.38
N GLU C 117 -18.63 -39.24 -9.66
CA GLU C 117 -18.55 -39.99 -8.37
C GLU C 117 -18.82 -39.04 -7.19
N VAL C 118 -19.38 -37.86 -7.45
CA VAL C 118 -19.84 -36.94 -6.36
C VAL C 118 -20.78 -37.75 -5.46
N GLY C 119 -20.46 -37.80 -4.16
CA GLY C 119 -21.04 -38.75 -3.19
C GLY C 119 -22.19 -38.16 -2.41
N SER C 120 -22.49 -36.88 -2.60
CA SER C 120 -23.60 -36.16 -1.90
C SER C 120 -23.98 -34.89 -2.65
N ASP C 121 -25.23 -34.47 -2.49
CA ASP C 121 -25.79 -33.19 -3.00
C ASP C 121 -24.98 -32.03 -2.41
N HIS C 122 -24.55 -32.14 -1.15
CA HIS C 122 -23.77 -31.09 -0.43
C HIS C 122 -22.42 -30.88 -1.13
N GLU C 123 -21.70 -31.97 -1.42
CA GLU C 123 -20.38 -31.97 -2.13
C GLU C 123 -20.53 -31.37 -3.54
N LEU C 124 -21.65 -31.66 -4.22
CA LEU C 124 -21.94 -31.09 -5.56
C LEU C 124 -22.09 -29.57 -5.46
N GLN C 125 -22.82 -29.07 -4.45
CA GLN C 125 -23.03 -27.61 -4.24
C GLN C 125 -21.66 -26.95 -4.02
N ALA C 126 -20.85 -27.51 -3.11
CA ALA C 126 -19.49 -27.04 -2.80
C ALA C 126 -18.67 -26.85 -4.08
N VAL C 127 -18.82 -27.75 -5.05
CA VAL C 127 -18.02 -27.74 -6.31
C VAL C 127 -18.64 -26.74 -7.30
N LEU C 128 -19.92 -26.87 -7.60
CA LEU C 128 -20.65 -25.97 -8.54
C LEU C 128 -20.38 -24.52 -8.12
N LEU C 129 -20.38 -24.23 -6.82
CA LEU C 129 -20.21 -22.86 -6.29
C LEU C 129 -18.75 -22.43 -6.41
N THR C 130 -17.81 -23.37 -6.28
CA THR C 130 -16.37 -23.12 -6.55
C THR C 130 -16.18 -22.75 -8.03
N CYS C 131 -16.86 -23.45 -8.93
CA CYS C 131 -16.86 -23.15 -10.39
C CYS C 131 -17.52 -21.77 -10.63
N LEU C 132 -18.60 -21.46 -9.91
CA LEU C 132 -19.33 -20.18 -10.06
C LEU C 132 -18.43 -19.03 -9.61
N TYR C 133 -17.91 -19.10 -8.38
CA TYR C 133 -16.99 -18.11 -7.78
C TYR C 133 -15.89 -17.75 -8.79
N LEU C 134 -15.33 -18.73 -9.49
CA LEU C 134 -14.25 -18.53 -10.50
C LEU C 134 -14.82 -17.89 -11.77
N SER C 135 -16.08 -18.15 -12.11
CA SER C 135 -16.80 -17.50 -13.23
C SER C 135 -16.99 -16.02 -12.93
N TYR C 136 -17.43 -15.70 -11.70
CA TYR C 136 -17.55 -14.31 -11.18
C TYR C 136 -16.18 -13.63 -11.30
N SER C 137 -15.14 -14.27 -10.76
CA SER C 137 -13.77 -13.71 -10.66
C SER C 137 -13.17 -13.46 -12.04
N TYR C 138 -13.55 -14.26 -13.05
CA TYR C 138 -12.94 -14.25 -14.40
C TYR C 138 -13.78 -13.41 -15.38
N MET C 139 -15.11 -13.46 -15.28
CA MET C 139 -16.03 -12.79 -16.23
C MET C 139 -16.81 -11.65 -15.57
N GLY C 140 -16.71 -11.49 -14.24
CA GLY C 140 -17.47 -10.47 -13.48
C GLY C 140 -17.01 -9.05 -13.82
N ASN C 141 -17.95 -8.10 -13.88
CA ASN C 141 -17.68 -6.68 -14.22
C ASN C 141 -17.03 -6.00 -13.01
N GLU C 142 -17.64 -6.18 -11.83
CA GLU C 142 -17.09 -5.69 -10.55
C GLU C 142 -15.75 -6.39 -10.32
N ILE C 143 -14.84 -5.68 -9.67
CA ILE C 143 -13.40 -6.05 -9.56
C ILE C 143 -13.29 -7.26 -8.63
N SER C 144 -14.08 -7.25 -7.55
CA SER C 144 -13.87 -8.16 -6.39
C SER C 144 -15.19 -8.49 -5.69
N TYR C 145 -15.46 -9.80 -5.56
CA TYR C 145 -16.69 -10.40 -5.00
C TYR C 145 -16.36 -11.15 -3.73
N PRO C 146 -17.24 -11.13 -2.70
CA PRO C 146 -16.98 -11.86 -1.45
C PRO C 146 -17.13 -13.38 -1.68
N LEU C 147 -16.81 -14.19 -0.67
CA LEU C 147 -16.87 -15.68 -0.80
C LEU C 147 -17.82 -16.29 0.24
N LYS C 148 -18.38 -15.50 1.15
CA LYS C 148 -19.41 -15.97 2.11
C LYS C 148 -20.59 -16.58 1.35
N PRO C 149 -21.20 -15.88 0.36
CA PRO C 149 -22.36 -16.44 -0.35
C PRO C 149 -22.06 -17.74 -1.10
N PHE C 150 -20.79 -17.94 -1.47
CA PHE C 150 -20.28 -19.06 -2.29
C PHE C 150 -19.83 -20.24 -1.41
N LEU C 151 -19.54 -19.98 -0.13
CA LEU C 151 -18.95 -20.96 0.83
C LEU C 151 -20.07 -21.74 1.52
N VAL C 152 -20.07 -23.07 1.37
CA VAL C 152 -21.07 -24.01 1.97
C VAL C 152 -20.35 -25.14 2.72
N GLU C 153 -19.04 -25.01 2.97
CA GLU C 153 -18.22 -25.97 3.75
C GLU C 153 -17.74 -25.26 5.02
N SER C 154 -17.72 -25.98 6.15
CA SER C 154 -17.11 -25.53 7.42
C SER C 154 -15.62 -25.26 7.19
N CYS C 155 -14.91 -26.23 6.63
CA CYS C 155 -13.47 -26.18 6.27
C CYS C 155 -13.26 -25.22 5.09
N LYS C 156 -12.87 -23.97 5.38
CA LYS C 156 -12.58 -22.93 4.36
C LYS C 156 -11.33 -23.31 3.57
N GLU C 157 -10.33 -23.90 4.24
CA GLU C 157 -9.06 -24.34 3.60
C GLU C 157 -9.36 -25.23 2.39
N ALA C 158 -10.34 -26.15 2.52
CA ALA C 158 -10.73 -27.14 1.50
C ALA C 158 -11.22 -26.43 0.23
N PHE C 159 -11.91 -25.29 0.38
CA PHE C 159 -12.48 -24.48 -0.74
C PHE C 159 -11.36 -23.87 -1.57
N TRP C 160 -10.45 -23.12 -0.94
CA TRP C 160 -9.33 -22.42 -1.63
C TRP C 160 -8.46 -23.42 -2.39
N ASP C 161 -8.34 -24.65 -1.86
CA ASP C 161 -7.58 -25.75 -2.51
C ASP C 161 -8.31 -26.18 -3.80
N ARG C 162 -9.65 -26.19 -3.80
CA ARG C 162 -10.48 -26.55 -4.98
C ARG C 162 -10.31 -25.49 -6.07
N CYS C 163 -10.35 -24.20 -5.70
CA CYS C 163 -10.10 -23.05 -6.60
C CYS C 163 -8.80 -23.26 -7.38
N LEU C 164 -7.69 -23.54 -6.68
CA LEU C 164 -6.34 -23.65 -7.29
C LEU C 164 -6.27 -24.87 -8.21
N SER C 165 -7.00 -25.95 -7.89
CA SER C 165 -7.13 -27.16 -8.75
C SER C 165 -7.86 -26.77 -10.03
N VAL C 166 -9.06 -26.18 -9.91
CA VAL C 166 -9.97 -25.88 -11.05
C VAL C 166 -9.25 -24.93 -12.01
N ILE C 167 -8.45 -24.00 -11.47
CA ILE C 167 -7.66 -23.00 -12.24
C ILE C 167 -6.55 -23.71 -13.02
N ASN C 168 -5.77 -24.59 -12.35
CA ASN C 168 -4.65 -25.37 -12.93
C ASN C 168 -5.17 -26.25 -14.08
N LEU C 169 -6.44 -26.62 -14.03
CA LEU C 169 -7.09 -27.53 -15.01
C LEU C 169 -7.66 -26.74 -16.19
N MET C 170 -8.32 -25.60 -15.92
CA MET C 170 -9.26 -24.95 -16.89
C MET C 170 -8.72 -23.61 -17.44
N SER C 171 -7.72 -22.99 -16.81
CA SER C 171 -7.25 -21.61 -17.13
C SER C 171 -7.08 -21.41 -18.64
N SER C 172 -6.58 -22.42 -19.36
CA SER C 172 -6.36 -22.38 -20.82
C SER C 172 -7.71 -22.30 -21.56
N LYS C 173 -8.67 -23.15 -21.18
CA LYS C 173 -10.03 -23.18 -21.77
C LYS C 173 -10.81 -21.92 -21.37
N MET C 174 -10.61 -21.42 -20.14
CA MET C 174 -11.27 -20.19 -19.64
C MET C 174 -10.94 -19.01 -20.57
N LEU C 175 -9.70 -18.98 -21.09
CA LEU C 175 -9.24 -17.95 -22.07
C LEU C 175 -9.70 -18.31 -23.48
N GLN C 176 -9.70 -19.60 -23.83
CA GLN C 176 -9.95 -20.09 -25.22
C GLN C 176 -11.40 -19.83 -25.64
N ILE C 177 -12.35 -20.04 -24.73
CA ILE C 177 -13.81 -19.84 -24.98
C ILE C 177 -14.06 -18.39 -25.40
N ASN C 178 -13.26 -17.44 -24.88
CA ASN C 178 -13.27 -16.01 -25.31
C ASN C 178 -12.57 -15.91 -26.66
N ALA C 179 -11.31 -16.33 -26.72
CA ALA C 179 -10.38 -16.15 -27.87
C ALA C 179 -10.97 -16.78 -29.14
N ASP C 180 -11.51 -17.99 -29.03
CA ASP C 180 -11.99 -18.82 -30.17
C ASP C 180 -13.51 -18.83 -30.19
N PRO C 181 -14.16 -18.03 -31.07
CA PRO C 181 -15.63 -17.97 -31.11
C PRO C 181 -16.28 -19.31 -31.49
N HIS C 182 -15.61 -20.13 -32.30
CA HIS C 182 -16.09 -21.46 -32.73
C HIS C 182 -16.28 -22.37 -31.50
N TYR C 183 -15.36 -22.31 -30.55
CA TYR C 183 -15.33 -23.16 -29.33
C TYR C 183 -16.48 -22.73 -28.39
N PHE C 184 -16.80 -21.43 -28.34
CA PHE C 184 -17.96 -20.89 -27.57
C PHE C 184 -19.25 -21.52 -28.09
N THR C 185 -19.46 -21.46 -29.41
CA THR C 185 -20.63 -22.01 -30.13
C THR C 185 -20.75 -23.52 -29.86
N GLN C 186 -19.64 -24.25 -29.94
CA GLN C 186 -19.59 -25.72 -29.66
C GLN C 186 -20.15 -25.98 -28.26
N VAL C 187 -19.70 -25.23 -27.25
CA VAL C 187 -20.11 -25.37 -25.83
C VAL C 187 -21.56 -24.91 -25.68
N PHE C 188 -21.93 -23.80 -26.34
CA PHE C 188 -23.30 -23.24 -26.34
C PHE C 188 -24.28 -24.29 -26.83
N SER C 189 -24.00 -24.92 -27.98
CA SER C 189 -24.79 -26.04 -28.56
C SER C 189 -24.90 -27.19 -27.57
N ASP C 190 -23.76 -27.75 -27.16
CA ASP C 190 -23.65 -28.89 -26.22
C ASP C 190 -24.58 -28.67 -25.00
N LEU C 191 -24.65 -27.44 -24.48
CA LEU C 191 -25.48 -27.09 -23.31
C LEU C 191 -26.96 -27.26 -23.67
N LYS C 192 -27.38 -26.74 -24.83
CA LYS C 192 -28.78 -26.83 -25.34
C LYS C 192 -29.16 -28.31 -25.54
N ASN C 193 -28.20 -29.16 -25.91
CA ASN C 193 -28.43 -30.61 -26.22
C ASN C 193 -28.40 -31.45 -24.93
N GLU C 194 -28.50 -30.82 -23.75
CA GLU C 194 -28.41 -31.49 -22.43
C GLU C 194 -29.82 -31.60 -21.82
N SER C 195 -30.87 -31.17 -22.53
CA SER C 195 -32.28 -31.27 -22.07
C SER C 195 -33.04 -32.38 -22.82
N SER D 49 19.94 1.57 41.31
CA SER D 49 20.27 0.18 40.87
C SER D 49 19.01 -0.52 40.35
N THR D 50 19.12 -1.19 39.21
CA THR D 50 18.01 -1.91 38.51
C THR D 50 17.40 -2.94 39.47
N SER D 51 18.21 -3.89 39.98
CA SER D 51 17.81 -4.99 40.88
C SER D 51 17.04 -4.43 42.08
N GLU D 52 17.52 -3.32 42.66
CA GLU D 52 16.93 -2.66 43.86
C GLU D 52 15.57 -2.05 43.50
N LEU D 53 15.43 -1.49 42.29
CA LEU D 53 14.16 -0.87 41.81
C LEU D 53 13.16 -1.97 41.43
N LEU D 54 13.65 -3.07 40.84
CA LEU D 54 12.83 -4.29 40.53
C LEU D 54 12.27 -4.86 41.83
N ARG D 55 13.12 -4.98 42.85
CA ARG D 55 12.77 -5.47 44.21
C ARG D 55 11.61 -4.62 44.75
N CYS D 56 11.75 -3.28 44.72
CA CYS D 56 10.73 -2.31 45.19
C CYS D 56 9.39 -2.56 44.48
N LEU D 57 9.41 -2.71 43.15
CA LEU D 57 8.19 -2.99 42.33
C LEU D 57 7.55 -4.29 42.81
N GLY D 58 8.36 -5.34 43.00
CA GLY D 58 7.91 -6.66 43.50
C GLY D 58 7.34 -6.56 44.92
N GLU D 59 7.91 -5.68 45.75
CA GLU D 59 7.44 -5.42 47.14
C GLU D 59 6.15 -4.61 47.07
N PHE D 60 6.03 -3.69 46.11
CA PHE D 60 4.79 -2.91 45.83
C PHE D 60 3.65 -3.87 45.46
N LEU D 61 3.90 -4.75 44.49
CA LEU D 61 2.89 -5.68 43.93
C LEU D 61 2.36 -6.60 45.05
N CYS D 62 3.26 -7.05 45.93
CA CYS D 62 2.95 -7.91 47.11
C CYS D 62 2.04 -7.16 48.09
N ARG D 63 2.37 -5.90 48.39
CA ARG D 63 1.57 -5.00 49.27
C ARG D 63 0.18 -4.80 48.67
N ARG D 64 0.12 -4.46 47.38
CA ARG D 64 -1.13 -4.12 46.65
C ARG D 64 -2.12 -5.29 46.67
N CYS D 65 -1.65 -6.52 46.39
CA CYS D 65 -2.48 -7.74 46.21
C CYS D 65 -2.49 -8.59 47.49
N TYR D 66 -3.22 -8.13 48.52
CA TYR D 66 -3.29 -8.75 49.87
C TYR D 66 -3.73 -10.22 49.77
N ARG D 67 -4.67 -10.55 48.87
CA ARG D 67 -5.34 -11.89 48.78
C ARG D 67 -4.30 -13.01 48.64
N LEU D 68 -3.22 -12.76 47.88
CA LEU D 68 -2.11 -13.74 47.68
C LEU D 68 -1.21 -13.67 48.93
N LYS D 69 -1.38 -14.62 49.86
CA LYS D 69 -0.72 -14.62 51.20
C LYS D 69 0.64 -15.33 51.12
N HIS D 70 0.75 -16.38 50.29
CA HIS D 70 2.05 -16.93 49.80
C HIS D 70 2.53 -16.05 48.64
N LEU D 71 3.28 -15.00 48.95
CA LEU D 71 3.36 -13.74 48.14
C LEU D 71 4.58 -13.76 47.22
N SER D 72 5.74 -14.24 47.72
CA SER D 72 7.04 -14.32 47.00
C SER D 72 7.21 -13.15 46.03
N PRO D 73 7.69 -11.98 46.52
CA PRO D 73 7.89 -10.80 45.66
C PRO D 73 9.05 -10.91 44.67
N THR D 74 9.67 -12.08 44.56
CA THR D 74 10.69 -12.43 43.54
C THR D 74 10.02 -12.99 42.27
N ASP D 75 8.74 -13.39 42.36
CA ASP D 75 7.96 -13.95 41.22
C ASP D 75 7.78 -12.89 40.13
N PRO D 76 7.32 -11.67 40.46
CA PRO D 76 7.31 -10.57 39.48
C PRO D 76 8.68 -10.41 38.80
N VAL D 77 9.73 -10.23 39.60
CA VAL D 77 11.13 -10.00 39.13
C VAL D 77 11.51 -11.14 38.17
N LEU D 78 11.23 -12.38 38.54
CA LEU D 78 11.54 -13.60 37.73
C LEU D 78 10.83 -13.50 36.38
N TRP D 79 9.51 -13.21 36.39
CA TRP D 79 8.66 -13.13 35.18
C TRP D 79 9.19 -12.06 34.22
N LEU D 80 9.55 -10.89 34.74
CA LEU D 80 10.05 -9.73 33.95
C LEU D 80 11.39 -10.10 33.30
N ARG D 81 12.32 -10.61 34.11
CA ARG D 81 13.70 -10.99 33.67
C ARG D 81 13.63 -12.15 32.66
N SER D 82 12.66 -13.06 32.79
CA SER D 82 12.47 -14.23 31.88
C SER D 82 12.11 -13.73 30.47
N VAL D 83 11.21 -12.76 30.38
CA VAL D 83 10.77 -12.14 29.08
C VAL D 83 11.97 -11.42 28.45
N ASP D 84 12.65 -10.58 29.24
CA ASP D 84 13.76 -9.71 28.75
C ASP D 84 14.90 -10.59 28.25
N ARG D 85 15.25 -11.66 29.00
CA ARG D 85 16.29 -12.65 28.59
C ARG D 85 15.84 -13.35 27.31
N SER D 86 14.59 -13.84 27.28
CA SER D 86 14.01 -14.61 26.14
C SER D 86 14.12 -13.82 24.84
N LEU D 87 13.86 -12.51 24.87
CA LEU D 87 13.85 -11.63 23.66
C LEU D 87 15.29 -11.38 23.20
N LEU D 88 16.24 -11.27 24.14
CA LEU D 88 17.68 -11.00 23.87
C LEU D 88 18.31 -12.21 23.16
N LEU D 89 18.10 -13.42 23.69
CA LEU D 89 18.74 -14.67 23.22
C LEU D 89 18.04 -15.19 21.94
N GLN D 90 16.87 -14.63 21.59
CA GLN D 90 16.15 -14.94 20.32
C GLN D 90 16.45 -13.87 19.27
N GLY D 91 17.19 -12.82 19.64
CA GLY D 91 17.56 -11.70 18.75
C GLY D 91 16.33 -10.92 18.29
N TRP D 92 15.59 -10.35 19.24
CA TRP D 92 14.55 -9.31 19.00
C TRP D 92 15.06 -7.94 19.48
N GLN D 93 16.14 -7.93 20.26
CA GLN D 93 16.81 -6.71 20.78
C GLN D 93 18.31 -7.00 20.98
N ASP D 94 19.14 -5.94 21.02
CA ASP D 94 20.62 -6.01 21.17
C ASP D 94 20.97 -6.03 22.66
N GLN D 95 20.36 -5.14 23.43
CA GLN D 95 20.51 -5.04 24.91
C GLN D 95 19.15 -5.34 25.57
N GLY D 96 19.14 -5.46 26.89
CA GLY D 96 17.93 -5.66 27.70
C GLY D 96 17.14 -4.37 27.84
N PHE D 97 15.80 -4.47 27.86
CA PHE D 97 14.84 -3.35 28.05
C PHE D 97 14.91 -2.83 29.49
N ILE D 98 14.95 -3.73 30.47
CA ILE D 98 14.79 -3.43 31.93
C ILE D 98 15.99 -2.62 32.42
N THR D 99 15.88 -1.29 32.40
CA THR D 99 16.83 -0.31 32.98
C THR D 99 16.08 0.45 34.08
N PRO D 100 16.76 1.26 34.92
CA PRO D 100 16.09 1.96 36.02
C PRO D 100 14.85 2.75 35.57
N ALA D 101 15.01 3.57 34.52
CA ALA D 101 13.98 4.50 33.99
C ALA D 101 12.76 3.72 33.50
N ASN D 102 12.97 2.57 32.84
CA ASN D 102 11.89 1.73 32.29
C ASN D 102 11.12 1.04 33.41
N VAL D 103 11.82 0.60 34.46
CA VAL D 103 11.21 -0.02 35.68
C VAL D 103 10.34 1.04 36.37
N VAL D 104 10.82 2.28 36.47
CA VAL D 104 10.04 3.44 37.01
C VAL D 104 8.81 3.65 36.12
N PHE D 105 8.97 3.63 34.79
CA PHE D 105 7.87 3.76 33.80
C PHE D 105 6.83 2.66 34.03
N LEU D 106 7.31 1.41 34.17
CA LEU D 106 6.45 0.21 34.40
C LEU D 106 5.66 0.39 35.70
N TYR D 107 6.33 0.84 36.76
CA TYR D 107 5.73 1.08 38.10
C TYR D 107 4.54 2.04 37.95
N MET D 108 4.72 3.15 37.25
CA MET D 108 3.66 4.17 36.98
C MET D 108 2.42 3.44 36.44
N LEU D 109 2.58 2.62 35.40
CA LEU D 109 1.46 1.83 34.79
C LEU D 109 0.86 0.93 35.86
N CYS D 110 1.69 0.08 36.48
CA CYS D 110 1.31 -0.94 37.49
C CYS D 110 0.39 -0.32 38.56
N ARG D 111 0.80 0.81 39.14
CA ARG D 111 0.16 1.40 40.34
C ARG D 111 -1.25 1.90 40.00
N ASP D 112 -1.53 2.22 38.73
CA ASP D 112 -2.85 2.73 38.28
C ASP D 112 -3.67 1.63 37.59
N VAL D 113 -3.08 0.48 37.26
CA VAL D 113 -3.75 -0.62 36.51
C VAL D 113 -4.00 -1.81 37.44
N ILE D 114 -2.96 -2.30 38.13
CA ILE D 114 -2.96 -3.61 38.86
C ILE D 114 -3.91 -3.51 40.07
N SER D 115 -5.12 -4.08 39.94
CA SER D 115 -6.16 -4.10 40.99
C SER D 115 -5.78 -5.11 42.09
N SER D 116 -6.18 -4.84 43.33
CA SER D 116 -6.06 -5.75 44.49
C SER D 116 -6.89 -7.03 44.24
N GLU D 117 -7.89 -6.93 43.36
CA GLU D 117 -8.96 -7.94 43.14
C GLU D 117 -8.47 -9.13 42.31
N VAL D 118 -7.25 -9.04 41.77
CA VAL D 118 -6.58 -10.19 41.08
C VAL D 118 -6.65 -11.39 42.03
N GLY D 119 -7.26 -12.49 41.58
CA GLY D 119 -7.65 -13.63 42.42
C GLY D 119 -6.70 -14.80 42.30
N SER D 120 -5.60 -14.65 41.56
CA SER D 120 -4.63 -15.74 41.26
C SER D 120 -3.30 -15.16 40.78
N ASP D 121 -2.22 -15.91 40.99
CA ASP D 121 -0.85 -15.60 40.47
C ASP D 121 -0.90 -15.47 38.94
N HIS D 122 -1.69 -16.33 38.28
CA HIS D 122 -1.88 -16.38 36.80
C HIS D 122 -2.39 -15.02 36.30
N GLU D 123 -3.49 -14.53 36.91
CA GLU D 123 -4.18 -13.26 36.57
C GLU D 123 -3.22 -12.08 36.79
N LEU D 124 -2.39 -12.11 37.84
CA LEU D 124 -1.40 -11.05 38.14
C LEU D 124 -0.37 -10.98 37.01
N GLN D 125 0.14 -12.15 36.58
CA GLN D 125 1.17 -12.24 35.51
C GLN D 125 0.58 -11.67 34.23
N ALA D 126 -0.62 -12.11 33.86
CA ALA D 126 -1.38 -11.65 32.67
C ALA D 126 -1.43 -10.11 32.63
N VAL D 127 -1.60 -9.46 33.78
CA VAL D 127 -1.75 -7.98 33.86
C VAL D 127 -0.36 -7.33 33.82
N LEU D 128 0.55 -7.73 34.72
CA LEU D 128 1.93 -7.17 34.78
C LEU D 128 2.56 -7.23 33.39
N LEU D 129 2.35 -8.31 32.66
CA LEU D 129 2.94 -8.53 31.31
C LEU D 129 2.22 -7.65 30.27
N THR D 130 0.92 -7.39 30.44
CA THR D 130 0.17 -6.42 29.60
C THR D 130 0.76 -5.03 29.81
N CYS D 131 1.06 -4.66 31.06
CA CYS D 131 1.71 -3.37 31.41
C CYS D 131 3.14 -3.33 30.82
N LEU D 132 3.86 -4.44 30.87
CA LEU D 132 5.25 -4.57 30.34
C LEU D 132 5.23 -4.38 28.82
N TYR D 133 4.42 -5.18 28.12
CA TYR D 133 4.24 -5.14 26.64
C TYR D 133 4.04 -3.69 26.18
N LEU D 134 3.24 -2.91 26.91
CA LEU D 134 2.94 -1.49 26.58
C LEU D 134 4.16 -0.61 26.89
N SER D 135 4.96 -0.97 27.90
CA SER D 135 6.25 -0.29 28.23
C SER D 135 7.24 -0.51 27.08
N TYR D 136 7.37 -1.75 26.61
CA TYR D 136 8.19 -2.12 25.42
C TYR D 136 7.73 -1.28 24.23
N SER D 137 6.43 -1.29 23.94
CA SER D 137 5.81 -0.64 22.75
C SER D 137 6.01 0.87 22.79
N TYR D 138 6.08 1.48 23.98
CA TYR D 138 6.12 2.96 24.15
C TYR D 138 7.56 3.45 24.35
N MET D 139 8.40 2.70 25.08
CA MET D 139 9.78 3.12 25.47
C MET D 139 10.85 2.25 24.79
N GLY D 140 10.46 1.18 24.08
CA GLY D 140 11.40 0.23 23.44
C GLY D 140 12.17 0.88 22.31
N ASN D 141 13.43 0.46 22.14
CA ASN D 141 14.36 0.93 21.07
C ASN D 141 13.89 0.36 19.73
N GLU D 142 13.70 -0.96 19.67
CA GLU D 142 13.12 -1.66 18.49
C GLU D 142 11.68 -1.15 18.31
N ILE D 143 11.21 -1.06 17.07
CA ILE D 143 9.83 -0.62 16.73
C ILE D 143 9.02 -1.85 16.30
N SER D 144 9.27 -3.01 16.92
CA SER D 144 8.72 -4.32 16.51
C SER D 144 9.01 -5.38 17.58
N TYR D 145 8.15 -5.55 18.59
CA TYR D 145 8.24 -6.62 19.60
C TYR D 145 7.11 -7.64 19.43
N PRO D 146 7.40 -8.96 19.53
CA PRO D 146 6.37 -9.99 19.43
C PRO D 146 5.51 -10.00 20.70
N LEU D 147 4.43 -10.78 20.71
CA LEU D 147 3.49 -10.85 21.87
C LEU D 147 3.40 -12.28 22.44
N LYS D 148 4.04 -13.28 21.80
CA LYS D 148 4.04 -14.67 22.32
C LYS D 148 4.70 -14.69 23.69
N PRO D 149 5.91 -14.11 23.87
CA PRO D 149 6.58 -14.12 25.18
C PRO D 149 5.77 -13.40 26.28
N PHE D 150 4.90 -12.47 25.90
CA PHE D 150 4.11 -11.59 26.79
C PHE D 150 2.74 -12.22 27.11
N LEU D 151 2.27 -13.15 26.27
CA LEU D 151 0.92 -13.77 26.35
C LEU D 151 0.96 -15.01 27.24
N VAL D 152 0.18 -15.03 28.33
CA VAL D 152 0.09 -16.19 29.29
C VAL D 152 -1.37 -16.62 29.48
N GLU D 153 -2.31 -16.15 28.64
CA GLU D 153 -3.74 -16.53 28.73
C GLU D 153 -4.21 -17.07 27.37
N SER D 154 -5.13 -18.04 27.38
CA SER D 154 -5.74 -18.66 26.17
C SER D 154 -6.45 -17.57 25.35
N CYS D 155 -7.35 -16.81 25.99
CA CYS D 155 -8.17 -15.75 25.34
C CYS D 155 -7.28 -14.55 24.99
N LYS D 156 -6.79 -14.49 23.75
CA LYS D 156 -5.93 -13.40 23.23
C LYS D 156 -6.77 -12.11 23.13
N GLU D 157 -8.05 -12.24 22.74
CA GLU D 157 -8.99 -11.10 22.60
C GLU D 157 -9.01 -10.27 23.89
N ALA D 158 -9.02 -10.94 25.05
CA ALA D 158 -9.10 -10.32 26.40
C ALA D 158 -7.90 -9.39 26.63
N PHE D 159 -6.72 -9.78 26.13
CA PHE D 159 -5.44 -9.04 26.29
C PHE D 159 -5.48 -7.71 25.51
N TRP D 160 -5.78 -7.78 24.22
CA TRP D 160 -5.82 -6.61 23.29
C TRP D 160 -6.81 -5.56 23.84
N ASP D 161 -7.90 -6.02 24.46
CA ASP D 161 -8.94 -5.16 25.08
C ASP D 161 -8.34 -4.42 26.29
N ARG D 162 -7.47 -5.09 27.07
CA ARG D 162 -6.79 -4.50 28.26
C ARG D 162 -5.86 -3.38 27.80
N CYS D 163 -5.06 -3.64 26.76
CA CYS D 163 -4.14 -2.66 26.11
C CYS D 163 -4.88 -1.36 25.81
N LEU D 164 -6.00 -1.43 25.09
CA LEU D 164 -6.73 -0.23 24.61
C LEU D 164 -7.35 0.53 25.78
N SER D 165 -7.74 -0.16 26.86
CA SER D 165 -8.23 0.46 28.12
C SER D 165 -7.06 1.23 28.79
N VAL D 166 -5.94 0.54 29.03
CA VAL D 166 -4.77 1.11 29.78
C VAL D 166 -4.26 2.34 29.03
N ILE D 167 -4.29 2.30 27.70
CA ILE D 167 -3.86 3.41 26.79
C ILE D 167 -4.80 4.59 26.92
N ASN D 168 -6.12 4.38 26.86
CA ASN D 168 -7.11 5.48 26.92
C ASN D 168 -7.11 6.10 28.33
N LEU D 169 -6.55 5.41 29.33
CA LEU D 169 -6.43 5.90 30.73
C LEU D 169 -5.13 6.68 30.92
N MET D 170 -4.00 6.19 30.39
CA MET D 170 -2.62 6.60 30.81
C MET D 170 -1.88 7.39 29.71
N SER D 171 -2.35 7.38 28.46
CA SER D 171 -1.62 7.94 27.28
C SER D 171 -1.06 9.34 27.58
N SER D 172 -1.80 10.18 28.32
CA SER D 172 -1.37 11.56 28.69
C SER D 172 -0.18 11.50 29.65
N LYS D 173 -0.26 10.66 30.69
CA LYS D 173 0.83 10.44 31.70
C LYS D 173 2.03 9.78 31.03
N MET D 174 1.80 8.84 30.11
CA MET D 174 2.86 8.11 29.38
C MET D 174 3.76 9.12 28.64
N LEU D 175 3.16 10.18 28.10
CA LEU D 175 3.90 11.29 27.42
C LEU D 175 4.47 12.26 28.47
N GLN D 176 3.73 12.53 29.55
CA GLN D 176 4.07 13.59 30.54
C GLN D 176 5.33 13.20 31.33
N ILE D 177 5.48 11.93 31.69
CA ILE D 177 6.67 11.40 32.45
C ILE D 177 7.95 11.70 31.66
N ASN D 178 7.87 11.67 30.32
CA ASN D 178 8.98 12.10 29.41
C ASN D 178 9.08 13.62 29.42
N ALA D 179 8.00 14.31 29.05
CA ALA D 179 7.94 15.77 28.82
C ALA D 179 8.35 16.54 30.09
N ASP D 180 7.86 16.12 31.26
CA ASP D 180 8.00 16.83 32.56
C ASP D 180 9.00 16.07 33.43
N PRO D 181 10.27 16.54 33.54
CA PRO D 181 11.28 15.85 34.33
C PRO D 181 10.93 15.76 35.83
N HIS D 182 10.21 16.75 36.36
CA HIS D 182 9.78 16.83 37.78
C HIS D 182 8.86 15.62 38.09
N TYR D 183 7.98 15.27 37.16
CA TYR D 183 6.97 14.19 37.31
C TYR D 183 7.67 12.82 37.30
N PHE D 184 8.74 12.67 36.51
CA PHE D 184 9.60 11.44 36.49
C PHE D 184 10.19 11.23 37.89
N THR D 185 10.81 12.26 38.45
CA THR D 185 11.45 12.28 39.80
C THR D 185 10.41 11.93 40.86
N GLN D 186 9.20 12.51 40.79
CA GLN D 186 8.08 12.21 41.72
C GLN D 186 7.79 10.71 41.72
N VAL D 187 7.68 10.09 40.54
CA VAL D 187 7.39 8.64 40.36
C VAL D 187 8.60 7.82 40.82
N PHE D 188 9.81 8.26 40.46
CA PHE D 188 11.10 7.63 40.84
C PHE D 188 11.19 7.54 42.37
N SER D 189 10.94 8.65 43.07
CA SER D 189 10.91 8.75 44.55
C SER D 189 9.87 7.78 45.12
N ASP D 190 8.60 7.94 44.71
CA ASP D 190 7.45 7.10 45.14
C ASP D 190 7.83 5.62 45.11
N LEU D 191 8.54 5.17 44.07
CA LEU D 191 8.97 3.75 43.91
C LEU D 191 9.93 3.38 45.04
N LYS D 192 10.93 4.23 45.31
CA LYS D 192 11.95 4.04 46.39
C LYS D 192 11.26 3.99 47.75
N ASN D 193 10.16 4.74 47.95
CA ASN D 193 9.42 4.86 49.24
C ASN D 193 8.42 3.71 49.41
N GLU D 194 8.52 2.65 48.62
CA GLU D 194 7.51 1.55 48.59
C GLU D 194 8.02 0.31 49.33
N SER D 195 9.31 0.27 49.69
CA SER D 195 9.96 -0.86 50.40
C SER D 195 11.33 -0.42 50.95
#